data_4N3B
#
_entry.id   4N3B
#
_cell.length_a   98.910
_cell.length_b   98.910
_cell.length_c   364.931
_cell.angle_alpha   90.000
_cell.angle_beta   90.000
_cell.angle_gamma   120.000
#
_symmetry.space_group_name_H-M   'P 61 2 2'
#
loop_
_entity.id
_entity.type
_entity.pdbx_description
1 polymer 'UDP-N-acetylglucosamine--peptide N-acetylglucosaminyltransferase 110 kDa subunit'
2 polymer 'Host cell factor 1'
3 non-polymer '(2S,3R,4R,5S,6R)-3-(acetylamino)-4,5-dihydroxy-6-(hydroxymethyl)tetrahydro-2H-thiopyran-2-yl [(2R,3S,4R,5R)-5-(2,4-dioxo-3,4-dihydropyrimidin-1(2H)-yl)-3,4-dihydroxytetrahydrofuran-2-yl]methyl dihydrogen diphosphate'
4 water water
#
loop_
_entity_poly.entity_id
_entity_poly.type
_entity_poly.pdbx_seq_one_letter_code
_entity_poly.pdbx_strand_id
1 'polypeptide(L)'
;GPGSCPTHADSLNNLANIKREQGNIEEAVRLYRKALEVFPEFAAAHSNLASVLQQQGKLQEALMHYKEAIRISPTFADAY
SNMGNTLKEMQDVQGALQCYTRAIQINPAFADAHSNLASIHKDSGNIPEAIASYRTALKLKPDFPDAYCNLAHCLQIVCD
WTDYDERMKKLVSIVADQLEKNRLPSVHPHHSMLYPLSHGFRKAIAERHGNLCLDKINVLHKPPYEHPKDLKLSDGRLRV
GYVSSDFGNHPTSHLMQSIPGMHNPDKFEVFCYALSPDDGTNFRVKVMAEANHFIDLSQIPCNGKAADRIHQDGIHILVN
MNGYTKGARNELFALRPAPIQAMWLGYPGTSGALFMDYIITDQETSPAEVAEQYSEKLAYMPHTFFIGDHANMFPHLKKK
AVIDFKSNGHIYDNRIVLNGIDLKAFLDSLPDVKIVKMKCPDGGDNADSSNTALNMPVIPMNTIAEAVIEMINRGQIQIT
INGFSISNGLATTQINNKAATGEEVPRTIIVTTRSQYGLPEDAIVYCNFNQLYKIDPSTLQMWANILKRVPNSVLWLLRF
PAVGEPNIQQYAQNMGLPQNRIIFSPVAPKEEHVRRGQLADVCLDTPLCNGHTTGMDVLWAGTPMVTMPGETLASRVAAS
QLTCLGCLELIAKNRQEYEDIAVKLGTDLEYLKKVRGKVWKQRISSPLFNTKQYTMELERLYLQMWEHYAAGNKPDHMIK
PVE
;
A
2 'polypeptide(L)' VRVCSNPPCQTHETGTTNTATTATSN B
#
loop_
_chem_comp.id
_chem_comp.type
_chem_comp.name
_chem_comp.formula
12V non-polymer '(2S,3R,4R,5S,6R)-3-(acetylamino)-4,5-dihydroxy-6-(hydroxymethyl)tetrahydro-2H-thiopyran-2-yl [(2R,3S,4R,5R)-5-(2,4-dioxo-3,4-dihydropyrimidin-1(2H)-yl)-3,4-dihydroxytetrahydrofuran-2-yl]methyl dihydrogen diphosphate' 'C17 H27 N3 O16 P2 S'
#
# COMPACT_ATOMS: atom_id res chain seq x y z
N CYS A 5 -48.94 11.83 14.78
CA CYS A 5 -48.71 11.61 16.21
C CYS A 5 -47.22 11.68 16.55
N PRO A 6 -46.88 12.42 17.60
CA PRO A 6 -45.49 12.58 18.08
C PRO A 6 -44.90 11.24 18.52
N THR A 7 -45.57 10.57 19.46
CA THR A 7 -45.12 9.28 19.98
C THR A 7 -44.94 8.24 18.87
N HIS A 8 -45.88 8.21 17.93
CA HIS A 8 -45.84 7.25 16.82
C HIS A 8 -44.57 7.39 16.00
N ALA A 9 -44.33 8.60 15.50
CA ALA A 9 -43.15 8.88 14.69
C ALA A 9 -41.85 8.68 15.48
N ASP A 10 -41.85 9.12 16.74
CA ASP A 10 -40.69 8.98 17.61
C ASP A 10 -40.33 7.52 17.84
N SER A 11 -41.33 6.68 18.05
N SER A 11 -41.33 6.67 18.06
CA SER A 11 -41.12 5.26 18.27
CA SER A 11 -41.11 5.24 18.27
C SER A 11 -40.59 4.56 17.02
C SER A 11 -40.57 4.58 17.02
N LEU A 12 -41.09 4.98 15.86
CA LEU A 12 -40.63 4.43 14.59
C LEU A 12 -39.16 4.81 14.34
N ASN A 13 -38.83 6.06 14.59
CA ASN A 13 -37.47 6.54 14.43
C ASN A 13 -36.49 5.85 15.36
N ASN A 14 -36.88 5.71 16.63
CA ASN A 14 -36.01 5.12 17.64
C ASN A 14 -35.81 3.61 17.45
N LEU A 15 -36.87 2.93 17.05
CA LEU A 15 -36.78 1.50 16.76
C LEU A 15 -35.88 1.27 15.55
N ALA A 16 -35.97 2.18 14.57
CA ALA A 16 -35.14 2.10 13.37
C ALA A 16 -33.66 2.28 13.72
N ASN A 17 -33.38 3.15 14.69
CA ASN A 17 -32.01 3.32 15.17
C ASN A 17 -31.47 2.01 15.73
N ILE A 18 -32.34 1.29 16.45
CA ILE A 18 -31.98 -0.01 17.01
C ILE A 18 -31.70 -1.02 15.92
N LYS A 19 -32.59 -1.08 14.92
CA LYS A 19 -32.41 -1.97 13.78
C LYS A 19 -31.09 -1.69 13.06
N ARG A 20 -30.75 -0.41 12.95
CA ARG A 20 -29.51 0.01 12.30
C ARG A 20 -28.29 -0.55 13.02
N GLU A 21 -28.27 -0.43 14.35
CA GLU A 21 -27.16 -0.94 15.15
C GLU A 21 -27.05 -2.46 15.07
N GLN A 22 -28.17 -3.12 14.85
CA GLN A 22 -28.20 -4.58 14.77
C GLN A 22 -27.70 -5.09 13.43
N GLY A 23 -27.60 -4.20 12.45
CA GLY A 23 -27.14 -4.57 11.13
C GLY A 23 -28.29 -4.87 10.18
N ASN A 24 -29.50 -4.60 10.61
CA ASN A 24 -30.67 -4.77 9.75
C ASN A 24 -31.01 -3.45 9.08
N ILE A 25 -30.24 -3.09 8.07
CA ILE A 25 -30.35 -1.81 7.39
C ILE A 25 -31.65 -1.68 6.59
N GLU A 26 -32.07 -2.78 5.97
CA GLU A 26 -33.31 -2.79 5.20
C GLU A 26 -34.52 -2.41 6.05
N GLU A 27 -34.63 -3.03 7.21
CA GLU A 27 -35.73 -2.75 8.13
C GLU A 27 -35.62 -1.32 8.68
N ALA A 28 -34.39 -0.85 8.85
CA ALA A 28 -34.15 0.52 9.32
C ALA A 28 -34.71 1.53 8.33
N VAL A 29 -34.36 1.37 7.05
CA VAL A 29 -34.85 2.23 5.99
C VAL A 29 -36.37 2.24 5.98
N ARG A 30 -36.95 1.05 6.11
CA ARG A 30 -38.39 0.87 6.13
C ARG A 30 -39.05 1.67 7.25
N LEU A 31 -38.47 1.57 8.45
CA LEU A 31 -39.03 2.25 9.61
C LEU A 31 -38.84 3.77 9.55
N TYR A 32 -37.68 4.20 9.06
CA TYR A 32 -37.43 5.64 8.88
C TYR A 32 -38.43 6.24 7.90
N ARG A 33 -38.70 5.52 6.83
CA ARG A 33 -39.64 6.01 5.82
C ARG A 33 -41.08 6.03 6.34
N LYS A 34 -41.43 5.09 7.21
CA LYS A 34 -42.77 5.11 7.81
C LYS A 34 -42.89 6.28 8.77
N ALA A 35 -41.81 6.57 9.48
CA ALA A 35 -41.76 7.72 10.37
C ALA A 35 -42.02 9.02 9.63
N LEU A 36 -41.40 9.17 8.46
CA LEU A 36 -41.56 10.36 7.63
C LEU A 36 -42.94 10.39 6.97
N GLU A 37 -43.55 9.23 6.83
CA GLU A 37 -44.91 9.13 6.30
C GLU A 37 -45.91 9.60 7.35
N VAL A 38 -45.62 9.30 8.61
CA VAL A 38 -46.45 9.74 9.73
C VAL A 38 -46.22 11.22 10.02
N PHE A 39 -44.95 11.63 10.00
CA PHE A 39 -44.55 12.98 10.36
C PHE A 39 -43.54 13.48 9.32
N PRO A 40 -44.03 14.10 8.24
CA PRO A 40 -43.21 14.53 7.10
C PRO A 40 -42.11 15.52 7.47
N GLU A 41 -42.35 16.39 8.44
CA GLU A 41 -41.38 17.40 8.84
C GLU A 41 -40.49 16.92 9.99
N PHE A 42 -40.16 15.64 9.98
CA PHE A 42 -39.39 15.02 11.05
C PHE A 42 -37.90 15.13 10.74
N ALA A 43 -37.24 16.11 11.35
CA ALA A 43 -35.83 16.39 11.06
C ALA A 43 -34.91 15.22 11.40
N ALA A 44 -35.12 14.62 12.57
CA ALA A 44 -34.30 13.50 13.00
C ALA A 44 -34.42 12.31 12.05
N ALA A 45 -35.64 12.03 11.63
CA ALA A 45 -35.89 10.91 10.71
C ALA A 45 -35.26 11.13 9.34
N HIS A 46 -35.27 12.37 8.87
CA HIS A 46 -34.60 12.71 7.60
C HIS A 46 -33.10 12.44 7.69
N SER A 47 -32.49 12.88 8.78
CA SER A 47 -31.05 12.75 8.98
C SER A 47 -30.66 11.29 9.18
N ASN A 48 -31.42 10.59 10.01
CA ASN A 48 -31.18 9.17 10.26
C ASN A 48 -31.40 8.30 9.02
N LEU A 49 -32.41 8.63 8.23
CA LEU A 49 -32.64 7.93 6.97
C LEU A 49 -31.46 8.14 6.04
N ALA A 50 -30.97 9.36 5.98
CA ALA A 50 -29.86 9.70 5.09
C ALA A 50 -28.60 8.92 5.45
N SER A 51 -28.43 8.61 6.73
CA SER A 51 -27.30 7.81 7.21
C SER A 51 -27.31 6.38 6.70
N VAL A 52 -28.47 5.71 6.78
CA VAL A 52 -28.56 4.35 6.27
C VAL A 52 -28.51 4.31 4.75
N LEU A 53 -29.05 5.35 4.11
CA LEU A 53 -28.97 5.48 2.67
C LEU A 53 -27.50 5.61 2.24
N GLN A 54 -26.75 6.40 3.00
CA GLN A 54 -25.32 6.55 2.78
C GLN A 54 -24.63 5.19 2.85
N GLN A 55 -24.95 4.44 3.90
CA GLN A 55 -24.41 3.09 4.08
C GLN A 55 -24.80 2.14 2.93
N GLN A 56 -25.90 2.45 2.23
CA GLN A 56 -26.34 1.64 1.11
C GLN A 56 -25.77 2.13 -0.22
N GLY A 57 -24.94 3.17 -0.17
CA GLY A 57 -24.31 3.70 -1.36
C GLY A 57 -25.19 4.68 -2.14
N LYS A 58 -26.33 5.04 -1.56
CA LYS A 58 -27.23 6.00 -2.20
C LYS A 58 -26.91 7.42 -1.73
N LEU A 59 -25.77 7.92 -2.18
CA LEU A 59 -25.20 9.15 -1.62
C LEU A 59 -25.97 10.43 -1.95
N GLN A 60 -26.44 10.54 -3.20
CA GLN A 60 -27.17 11.73 -3.61
C GLN A 60 -28.53 11.82 -2.90
N GLU A 61 -29.17 10.68 -2.71
CA GLU A 61 -30.45 10.64 -2.00
C GLU A 61 -30.24 10.98 -0.52
N ALA A 62 -29.09 10.59 0.01
CA ALA A 62 -28.73 10.92 1.39
C ALA A 62 -28.60 12.43 1.56
N LEU A 63 -27.83 13.06 0.67
CA LEU A 63 -27.63 14.51 0.71
C LEU A 63 -28.94 15.28 0.71
N MET A 64 -29.89 14.83 -0.11
CA MET A 64 -31.19 15.49 -0.20
C MET A 64 -31.92 15.47 1.14
N HIS A 65 -31.84 14.33 1.84
CA HIS A 65 -32.51 14.19 3.13
C HIS A 65 -31.78 14.94 4.24
N TYR A 66 -30.45 15.02 4.14
CA TYR A 66 -29.67 15.80 5.09
C TYR A 66 -30.05 17.29 5.02
N LYS A 67 -30.16 17.79 3.79
CA LYS A 67 -30.53 19.18 3.59
C LYS A 67 -31.95 19.45 4.06
N GLU A 68 -32.82 18.46 3.90
CA GLU A 68 -34.21 18.60 4.35
C GLU A 68 -34.25 18.71 5.87
N ALA A 69 -33.46 17.88 6.54
CA ALA A 69 -33.36 17.93 8.01
C ALA A 69 -32.89 19.29 8.49
N ILE A 70 -31.94 19.87 7.77
CA ILE A 70 -31.35 21.15 8.13
C ILE A 70 -32.29 22.32 7.82
N ARG A 71 -33.07 22.20 6.75
CA ARG A 71 -34.08 23.21 6.46
C ARG A 71 -35.10 23.26 7.59
N ILE A 72 -35.52 22.09 8.05
CA ILE A 72 -36.47 21.97 9.15
C ILE A 72 -35.83 22.44 10.46
N SER A 73 -34.56 22.11 10.65
CA SER A 73 -33.86 22.43 11.89
C SER A 73 -32.45 22.96 11.59
N PRO A 74 -32.31 24.29 11.47
CA PRO A 74 -31.07 24.94 11.05
C PRO A 74 -29.86 24.69 11.96
N THR A 75 -30.10 24.39 13.24
CA THR A 75 -29.00 24.15 14.16
C THR A 75 -28.85 22.67 14.51
N PHE A 76 -29.29 21.81 13.59
CA PHE A 76 -29.19 20.37 13.77
C PHE A 76 -27.77 19.91 13.48
N ALA A 77 -26.92 19.93 14.51
CA ALA A 77 -25.51 19.58 14.37
C ALA A 77 -25.25 18.16 13.86
N ASP A 78 -26.05 17.19 14.31
CA ASP A 78 -25.89 15.82 13.85
C ASP A 78 -26.00 15.71 12.33
N ALA A 79 -26.95 16.45 11.76
CA ALA A 79 -27.20 16.41 10.33
C ALA A 79 -26.00 16.95 9.55
N TYR A 80 -25.43 18.06 10.03
CA TYR A 80 -24.23 18.62 9.42
C TYR A 80 -23.06 17.66 9.45
N SER A 81 -22.80 17.06 10.60
CA SER A 81 -21.68 16.13 10.75
C SER A 81 -21.88 14.89 9.87
N ASN A 82 -23.10 14.35 9.89
CA ASN A 82 -23.41 13.20 9.06
C ASN A 82 -23.32 13.49 7.57
N MET A 83 -23.77 14.68 7.17
CA MET A 83 -23.68 15.12 5.77
C MET A 83 -22.23 15.24 5.35
N GLY A 84 -21.38 15.69 6.28
CA GLY A 84 -19.96 15.80 6.02
C GLY A 84 -19.35 14.45 5.68
N ASN A 85 -19.80 13.43 6.39
CA ASN A 85 -19.33 12.06 6.15
C ASN A 85 -19.69 11.58 4.74
N THR A 86 -20.86 12.00 4.27
CA THR A 86 -21.29 11.65 2.92
C THR A 86 -20.46 12.38 1.88
N LEU A 87 -20.30 13.70 2.07
CA LEU A 87 -19.48 14.49 1.18
C LEU A 87 -18.04 13.99 1.13
N LYS A 88 -17.54 13.52 2.26
CA LYS A 88 -16.18 12.98 2.31
C LYS A 88 -16.05 11.71 1.46
N GLU A 89 -17.06 10.85 1.54
CA GLU A 89 -17.08 9.64 0.75
C GLU A 89 -17.15 9.97 -0.75
N MET A 90 -17.79 11.09 -1.07
CA MET A 90 -17.89 11.56 -2.46
C MET A 90 -16.64 12.30 -2.91
N GLN A 91 -15.60 12.29 -2.08
CA GLN A 91 -14.33 12.96 -2.36
C GLN A 91 -14.44 14.49 -2.39
N ASP A 92 -15.52 15.02 -1.82
CA ASP A 92 -15.71 16.46 -1.70
C ASP A 92 -15.14 16.92 -0.36
N VAL A 93 -13.83 17.09 -0.32
CA VAL A 93 -13.10 17.41 0.90
C VAL A 93 -13.50 18.78 1.47
N GLN A 94 -13.57 19.79 0.60
CA GLN A 94 -13.95 21.13 1.04
C GLN A 94 -15.38 21.15 1.60
N GLY A 95 -16.29 20.47 0.91
CA GLY A 95 -17.66 20.39 1.37
C GLY A 95 -17.78 19.69 2.71
N ALA A 96 -17.00 18.63 2.90
CA ALA A 96 -16.99 17.90 4.16
C ALA A 96 -16.45 18.78 5.28
N LEU A 97 -15.38 19.52 4.99
CA LEU A 97 -14.77 20.43 5.95
C LEU A 97 -15.77 21.47 6.43
N GLN A 98 -16.50 22.06 5.48
CA GLN A 98 -17.47 23.09 5.79
C GLN A 98 -18.63 22.58 6.66
N CYS A 99 -19.02 21.32 6.46
CA CYS A 99 -20.05 20.70 7.29
C CYS A 99 -19.56 20.42 8.71
N TYR A 100 -18.35 19.87 8.84
CA TYR A 100 -17.79 19.55 10.14
C TYR A 100 -17.60 20.81 10.99
N THR A 101 -17.04 21.85 10.39
CA THR A 101 -16.75 23.09 11.11
C THR A 101 -18.03 23.83 11.49
N ARG A 102 -19.06 23.70 10.66
CA ARG A 102 -20.36 24.24 11.00
C ARG A 102 -20.96 23.51 12.18
N ALA A 103 -20.83 22.18 12.19
CA ALA A 103 -21.35 21.35 13.28
C ALA A 103 -20.66 21.69 14.60
N ILE A 104 -19.34 21.87 14.54
CA ILE A 104 -18.54 22.23 15.70
C ILE A 104 -18.86 23.66 16.16
N GLN A 105 -19.12 24.54 15.20
CA GLN A 105 -19.54 25.90 15.50
C GLN A 105 -20.88 25.91 16.25
N ILE A 106 -21.81 25.06 15.83
CA ILE A 106 -23.10 24.94 16.51
C ILE A 106 -22.90 24.35 17.92
N ASN A 107 -22.15 23.25 17.98
CA ASN A 107 -21.89 22.58 19.25
C ASN A 107 -20.43 22.19 19.39
N PRO A 108 -19.64 23.02 20.10
CA PRO A 108 -18.22 22.76 20.34
C PRO A 108 -17.96 21.46 21.11
N ALA A 109 -18.97 20.97 21.82
CA ALA A 109 -18.81 19.74 22.60
C ALA A 109 -19.23 18.49 21.81
N PHE A 110 -19.47 18.65 20.52
CA PHE A 110 -19.88 17.56 19.65
C PHE A 110 -18.67 16.68 19.32
N ALA A 111 -18.48 15.62 20.10
CA ALA A 111 -17.30 14.75 19.96
C ALA A 111 -17.18 14.09 18.59
N ASP A 112 -18.30 13.59 18.06
CA ASP A 112 -18.31 12.91 16.77
C ASP A 112 -17.81 13.80 15.64
N ALA A 113 -18.20 15.07 15.68
CA ALA A 113 -17.81 16.03 14.64
C ALA A 113 -16.31 16.31 14.69
N HIS A 114 -15.76 16.40 15.90
CA HIS A 114 -14.32 16.58 16.06
C HIS A 114 -13.55 15.40 15.48
N SER A 115 -14.01 14.20 15.78
CA SER A 115 -13.37 12.98 15.30
C SER A 115 -13.47 12.86 13.78
N ASN A 116 -14.63 13.22 13.23
CA ASN A 116 -14.81 13.19 11.77
C ASN A 116 -13.94 14.24 11.08
N LEU A 117 -13.82 15.41 11.70
CA LEU A 117 -12.94 16.46 11.20
C LEU A 117 -11.49 15.97 11.21
N ALA A 118 -11.13 15.24 12.27
CA ALA A 118 -9.80 14.66 12.40
C ALA A 118 -9.45 13.74 11.22
N SER A 119 -10.44 12.99 10.74
CA SER A 119 -10.21 12.06 9.64
C SER A 119 -9.85 12.80 8.35
N ILE A 120 -10.38 14.00 8.19
CA ILE A 120 -10.04 14.84 7.04
C ILE A 120 -8.58 15.27 7.12
N HIS A 121 -8.16 15.73 8.30
CA HIS A 121 -6.77 16.12 8.52
C HIS A 121 -5.84 14.93 8.32
N LYS A 122 -6.28 13.76 8.76
CA LYS A 122 -5.49 12.56 8.66
C LYS A 122 -5.26 12.18 7.20
N ASP A 123 -6.34 12.17 6.42
CA ASP A 123 -6.24 11.79 5.02
C ASP A 123 -5.60 12.89 4.16
N SER A 124 -5.46 14.09 4.72
CA SER A 124 -4.80 15.18 4.01
C SER A 124 -3.29 15.17 4.24
N GLY A 125 -2.84 14.42 5.23
CA GLY A 125 -1.43 14.37 5.57
C GLY A 125 -1.06 15.32 6.69
N ASN A 126 -2.08 15.96 7.27
CA ASN A 126 -1.86 16.83 8.42
C ASN A 126 -2.06 16.04 9.71
N ILE A 127 -1.12 15.14 9.98
CA ILE A 127 -1.21 14.27 11.15
C ILE A 127 -1.26 14.99 12.51
N PRO A 128 -0.43 16.04 12.71
CA PRO A 128 -0.53 16.75 14.00
C PRO A 128 -1.93 17.33 14.26
N GLU A 129 -2.58 17.87 13.23
CA GLU A 129 -3.90 18.44 13.43
C GLU A 129 -4.94 17.34 13.65
N ALA A 130 -4.77 16.21 12.96
CA ALA A 130 -5.63 15.05 13.16
C ALA A 130 -5.53 14.55 14.60
N ILE A 131 -4.31 14.43 15.10
CA ILE A 131 -4.06 14.01 16.47
C ILE A 131 -4.74 14.93 17.46
N ALA A 132 -4.59 16.23 17.27
CA ALA A 132 -5.20 17.22 18.15
C ALA A 132 -6.73 17.10 18.15
N SER A 133 -7.32 16.90 16.99
CA SER A 133 -8.78 16.79 16.90
C SER A 133 -9.32 15.49 17.48
N TYR A 134 -8.59 14.39 17.30
CA TYR A 134 -8.96 13.11 17.90
C TYR A 134 -8.90 13.19 19.42
N ARG A 135 -7.90 13.92 19.93
CA ARG A 135 -7.77 14.09 21.39
C ARG A 135 -8.88 14.96 21.96
N THR A 136 -9.34 15.93 21.17
CA THR A 136 -10.48 16.73 21.61
C THR A 136 -11.73 15.85 21.69
N ALA A 137 -11.92 15.00 20.69
CA ALA A 137 -13.05 14.08 20.66
C ALA A 137 -13.05 13.14 21.87
N LEU A 138 -11.88 12.60 22.20
CA LEU A 138 -11.75 11.68 23.33
C LEU A 138 -11.84 12.38 24.68
N LYS A 139 -11.48 13.66 24.71
CA LYS A 139 -11.67 14.46 25.90
C LYS A 139 -13.16 14.65 26.16
N LEU A 140 -13.92 14.83 25.08
CA LEU A 140 -15.37 15.01 25.18
C LEU A 140 -16.10 13.68 25.38
N LYS A 141 -15.60 12.62 24.75
CA LYS A 141 -16.21 11.31 24.84
C LYS A 141 -15.14 10.23 24.97
N PRO A 142 -14.72 9.94 26.23
CA PRO A 142 -13.63 9.01 26.52
C PRO A 142 -13.84 7.61 25.93
N ASP A 143 -15.07 7.12 25.97
CA ASP A 143 -15.39 5.87 25.30
C ASP A 143 -15.79 6.15 23.85
N PHE A 144 -14.80 6.11 22.95
CA PHE A 144 -15.01 6.43 21.54
C PHE A 144 -14.02 5.62 20.71
N PRO A 145 -14.40 4.38 20.34
CA PRO A 145 -13.56 3.44 19.60
C PRO A 145 -13.01 3.99 18.27
N ASP A 146 -13.85 4.70 17.50
CA ASP A 146 -13.40 5.25 16.23
C ASP A 146 -12.28 6.26 16.41
N ALA A 147 -12.45 7.16 17.37
CA ALA A 147 -11.46 8.19 17.62
C ALA A 147 -10.17 7.59 18.17
N TYR A 148 -10.28 6.66 19.11
CA TYR A 148 -9.10 6.03 19.71
C TYR A 148 -8.29 5.23 18.70
N CYS A 149 -8.98 4.44 17.87
CA CYS A 149 -8.29 3.55 16.95
C CYS A 149 -7.63 4.32 15.80
N ASN A 150 -8.27 5.40 15.36
CA ASN A 150 -7.69 6.24 14.32
C ASN A 150 -6.57 7.13 14.87
N LEU A 151 -6.71 7.54 16.13
CA LEU A 151 -5.63 8.25 16.81
C LEU A 151 -4.41 7.36 16.93
N ALA A 152 -4.63 6.09 17.27
CA ALA A 152 -3.54 5.13 17.42
C ALA A 152 -2.77 4.97 16.12
N HIS A 153 -3.49 4.97 15.00
CA HIS A 153 -2.84 4.85 13.71
C HIS A 153 -2.07 6.12 13.36
N CYS A 154 -2.62 7.28 13.75
CA CYS A 154 -1.91 8.55 13.61
C CYS A 154 -0.58 8.50 14.34
N LEU A 155 -0.62 8.00 15.57
CA LEU A 155 0.58 7.92 16.40
C LEU A 155 1.58 6.93 15.80
N GLN A 156 1.09 5.84 15.24
CA GLN A 156 1.93 4.87 14.53
C GLN A 156 2.65 5.55 13.37
N ILE A 157 1.93 6.36 12.61
CA ILE A 157 2.47 7.05 11.43
C ILE A 157 3.68 7.94 11.76
N VAL A 158 3.62 8.63 12.89
CA VAL A 158 4.72 9.55 13.27
C VAL A 158 5.64 8.94 14.31
N CYS A 159 5.49 7.63 14.55
CA CYS A 159 6.30 6.90 15.52
C CYS A 159 6.25 7.48 16.92
N ASP A 160 5.07 7.94 17.33
CA ASP A 160 4.85 8.34 18.72
C ASP A 160 4.51 7.08 19.50
N TRP A 161 5.42 6.67 20.38
CA TRP A 161 5.26 5.40 21.10
C TRP A 161 4.93 5.60 22.58
N THR A 162 4.44 6.78 22.93
CA THR A 162 4.02 7.07 24.29
CA THR A 162 4.04 7.06 24.30
C THR A 162 2.98 6.06 24.76
N ASP A 163 3.29 5.32 25.81
CA ASP A 163 2.38 4.29 26.35
C ASP A 163 1.93 3.31 25.29
N TYR A 164 2.85 2.96 24.39
CA TYR A 164 2.58 2.05 23.29
C TYR A 164 2.01 0.71 23.77
N ASP A 165 2.54 0.20 24.88
CA ASP A 165 2.11 -1.08 25.41
C ASP A 165 0.64 -1.08 25.86
N GLU A 166 0.23 0.00 26.52
CA GLU A 166 -1.15 0.14 26.95
C GLU A 166 -2.06 0.44 25.76
N ARG A 167 -1.50 1.11 24.76
CA ARG A 167 -2.23 1.41 23.52
C ARG A 167 -2.62 0.11 22.82
N MET A 168 -1.65 -0.80 22.69
CA MET A 168 -1.90 -2.09 22.07
C MET A 168 -2.95 -2.88 22.83
N LYS A 169 -2.86 -2.87 24.16
CA LYS A 169 -3.84 -3.54 25.01
C LYS A 169 -5.26 -2.99 24.78
N LYS A 170 -5.38 -1.67 24.76
CA LYS A 170 -6.67 -1.02 24.54
C LYS A 170 -7.23 -1.35 23.15
N LEU A 171 -6.39 -1.31 22.14
CA LEU A 171 -6.80 -1.63 20.77
C LEU A 171 -7.38 -3.03 20.68
N VAL A 172 -6.65 -4.01 21.21
CA VAL A 172 -7.10 -5.40 21.19
C VAL A 172 -8.41 -5.56 21.96
N SER A 173 -8.51 -4.87 23.09
CA SER A 173 -9.70 -4.92 23.91
C SER A 173 -10.92 -4.36 23.17
N ILE A 174 -10.70 -3.28 22.42
CA ILE A 174 -11.74 -2.65 21.63
C ILE A 174 -12.24 -3.57 20.52
N VAL A 175 -11.32 -4.14 19.76
CA VAL A 175 -11.67 -5.05 18.67
C VAL A 175 -12.43 -6.27 19.20
N ALA A 176 -12.00 -6.79 20.35
CA ALA A 176 -12.65 -7.95 20.95
C ALA A 176 -14.09 -7.64 21.34
N ASP A 177 -14.30 -6.48 21.94
CA ASP A 177 -15.64 -6.07 22.37
C ASP A 177 -16.54 -5.80 21.18
N GLN A 178 -15.96 -5.24 20.12
CA GLN A 178 -16.73 -4.92 18.92
C GLN A 178 -17.12 -6.16 18.12
N LEU A 179 -16.19 -7.12 18.02
CA LEU A 179 -16.47 -8.36 17.31
C LEU A 179 -17.52 -9.19 18.06
N GLU A 180 -17.49 -9.11 19.39
CA GLU A 180 -18.42 -9.86 20.22
C GLU A 180 -19.84 -9.31 20.10
N LYS A 181 -19.95 -7.99 19.96
CA LYS A 181 -21.25 -7.34 19.87
C LYS A 181 -21.68 -7.13 18.41
N ASN A 182 -21.00 -7.81 17.49
CA ASN A 182 -21.33 -7.74 16.07
C ASN A 182 -21.35 -6.34 15.48
N ARG A 183 -20.29 -5.59 15.73
CA ARG A 183 -20.15 -4.24 15.16
C ARG A 183 -19.02 -4.22 14.14
N LEU A 184 -19.05 -3.23 13.26
CA LEU A 184 -17.92 -2.98 12.36
C LEU A 184 -16.76 -2.49 13.20
N PRO A 185 -15.65 -3.24 13.23
CA PRO A 185 -14.48 -2.88 14.03
C PRO A 185 -13.93 -1.51 13.65
N SER A 186 -13.42 -0.77 14.63
CA SER A 186 -12.88 0.57 14.38
C SER A 186 -11.48 0.50 13.76
N VAL A 187 -10.85 -0.67 13.85
CA VAL A 187 -9.55 -0.89 13.23
C VAL A 187 -9.72 -1.28 11.77
N HIS A 188 -9.07 -0.56 10.87
CA HIS A 188 -9.11 -0.86 9.45
C HIS A 188 -8.40 -2.19 9.18
N PRO A 189 -8.95 -3.02 8.28
CA PRO A 189 -8.37 -4.33 7.97
C PRO A 189 -6.90 -4.31 7.59
N HIS A 190 -6.45 -3.26 6.91
CA HIS A 190 -5.03 -3.16 6.57
C HIS A 190 -4.21 -2.88 7.81
N HIS A 191 -4.67 -1.92 8.62
CA HIS A 191 -3.96 -1.52 9.82
C HIS A 191 -3.83 -2.64 10.86
N SER A 192 -4.74 -3.61 10.80
CA SER A 192 -4.79 -4.69 11.78
C SER A 192 -3.49 -5.51 11.83
N MET A 193 -2.75 -5.51 10.73
CA MET A 193 -1.47 -6.22 10.64
C MET A 193 -0.41 -5.62 11.58
N LEU A 194 -0.66 -4.39 12.05
CA LEU A 194 0.32 -3.66 12.83
C LEU A 194 0.18 -3.90 14.33
N TYR A 195 -0.93 -4.51 14.71
CA TYR A 195 -1.27 -4.66 16.12
C TYR A 195 -1.27 -6.12 16.54
N PRO A 196 -0.97 -6.41 17.82
CA PRO A 196 -0.88 -7.79 18.28
C PRO A 196 -2.27 -8.43 18.44
N LEU A 197 -3.02 -8.49 17.35
CA LEU A 197 -4.31 -9.14 17.32
C LEU A 197 -4.14 -10.59 16.88
N SER A 198 -5.12 -11.44 17.19
CA SER A 198 -5.09 -12.81 16.71
C SER A 198 -5.42 -12.84 15.23
N HIS A 199 -5.07 -13.94 14.57
CA HIS A 199 -5.39 -14.10 13.15
C HIS A 199 -6.90 -14.16 12.96
N GLY A 200 -7.60 -14.79 13.90
CA GLY A 200 -9.04 -14.85 13.87
C GLY A 200 -9.68 -13.47 13.91
N PHE A 201 -9.11 -12.59 14.73
CA PHE A 201 -9.60 -11.22 14.83
C PHE A 201 -9.36 -10.44 13.55
N ARG A 202 -8.17 -10.58 12.97
CA ARG A 202 -7.84 -9.87 11.74
C ARG A 202 -8.73 -10.29 10.57
N LYS A 203 -8.96 -11.60 10.43
CA LYS A 203 -9.83 -12.10 9.38
C LYS A 203 -11.28 -11.67 9.59
N ALA A 204 -11.69 -11.57 10.85
CA ALA A 204 -13.04 -11.14 11.19
C ALA A 204 -13.25 -9.66 10.87
N ILE A 205 -12.22 -8.87 11.13
CA ILE A 205 -12.25 -7.45 10.78
C ILE A 205 -12.45 -7.29 9.28
N ALA A 206 -11.70 -8.04 8.50
CA ALA A 206 -11.79 -8.02 7.05
C ALA A 206 -13.17 -8.46 6.57
N GLU A 207 -13.68 -9.53 7.18
CA GLU A 207 -14.98 -10.08 6.83
C GLU A 207 -16.09 -9.03 6.98
N ARG A 208 -16.04 -8.27 8.06
CA ARG A 208 -17.08 -7.27 8.32
C ARG A 208 -16.99 -6.09 7.36
N HIS A 209 -15.78 -5.77 6.92
CA HIS A 209 -15.62 -4.72 5.90
C HIS A 209 -16.15 -5.19 4.55
N GLY A 210 -16.01 -6.48 4.28
CA GLY A 210 -16.58 -7.07 3.08
C GLY A 210 -18.09 -7.05 3.14
N ASN A 211 -18.65 -7.10 4.34
CA ASN A 211 -20.09 -7.06 4.53
C ASN A 211 -20.68 -5.70 4.14
N LEU A 212 -19.89 -4.64 4.27
CA LEU A 212 -20.30 -3.32 3.83
C LEU A 212 -20.65 -3.32 2.34
N CYS A 213 -19.90 -4.10 1.58
CA CYS A 213 -20.12 -4.22 0.14
C CYS A 213 -21.45 -4.90 -0.15
N LEU A 214 -21.81 -5.86 0.69
CA LEU A 214 -23.07 -6.58 0.51
C LEU A 214 -24.26 -5.66 0.76
N ASP A 215 -24.12 -4.74 1.70
CA ASP A 215 -25.17 -3.76 1.99
C ASP A 215 -25.42 -2.87 0.77
N LYS A 216 -24.37 -2.61 0.00
CA LYS A 216 -24.47 -1.71 -1.14
C LYS A 216 -25.05 -2.39 -2.39
N ILE A 217 -24.80 -3.69 -2.54
CA ILE A 217 -25.30 -4.40 -3.72
C ILE A 217 -26.66 -5.04 -3.50
N ASN A 218 -27.05 -5.25 -2.24
CA ASN A 218 -28.36 -5.85 -1.95
C ASN A 218 -29.53 -5.00 -2.42
N VAL A 219 -29.34 -3.69 -2.42
CA VAL A 219 -30.40 -2.78 -2.84
C VAL A 219 -30.55 -2.77 -4.37
N LEU A 220 -29.62 -3.41 -5.06
CA LEU A 220 -29.71 -3.51 -6.52
C LEU A 220 -30.68 -4.62 -6.91
N HIS A 221 -30.82 -5.61 -6.04
CA HIS A 221 -31.68 -6.77 -6.28
C HIS A 221 -31.39 -7.45 -7.61
N LYS A 222 -30.11 -7.56 -7.95
CA LYS A 222 -29.71 -8.25 -9.17
C LYS A 222 -29.65 -9.74 -8.93
N PRO A 223 -30.13 -10.54 -9.89
CA PRO A 223 -30.06 -12.00 -9.80
C PRO A 223 -28.62 -12.46 -10.04
N PRO A 224 -28.28 -13.67 -9.59
CA PRO A 224 -26.94 -14.21 -9.85
C PRO A 224 -26.68 -14.35 -11.34
N TYR A 225 -25.43 -14.14 -11.76
CA TYR A 225 -25.07 -14.23 -13.16
C TYR A 225 -24.85 -15.68 -13.60
N GLU A 226 -25.27 -16.00 -14.81
CA GLU A 226 -24.90 -17.27 -15.41
C GLU A 226 -23.44 -17.19 -15.85
N HIS A 227 -22.66 -18.21 -15.50
CA HIS A 227 -21.23 -18.19 -15.78
C HIS A 227 -20.86 -19.17 -16.90
N PRO A 228 -19.86 -18.81 -17.71
CA PRO A 228 -19.34 -19.71 -18.75
C PRO A 228 -18.80 -20.98 -18.13
N LYS A 229 -19.05 -22.12 -18.76
CA LYS A 229 -18.56 -23.39 -18.24
C LYS A 229 -17.69 -24.12 -19.27
N ASP A 230 -17.32 -23.40 -20.32
CA ASP A 230 -16.36 -23.87 -21.30
C ASP A 230 -15.66 -22.67 -21.95
N LEU A 231 -14.67 -22.93 -22.78
CA LEU A 231 -13.92 -21.86 -23.44
C LEU A 231 -14.33 -21.73 -24.89
N LYS A 232 -15.51 -22.25 -25.22
CA LYS A 232 -16.00 -22.26 -26.60
C LYS A 232 -16.26 -20.87 -27.15
N LEU A 233 -16.94 -20.04 -26.37
CA LEU A 233 -17.30 -18.69 -26.80
C LEU A 233 -16.09 -17.80 -27.04
N SER A 234 -14.95 -18.18 -26.45
CA SER A 234 -13.74 -17.39 -26.57
C SER A 234 -12.67 -18.10 -27.42
N ASP A 235 -13.12 -19.03 -28.25
CA ASP A 235 -12.24 -19.78 -29.16
C ASP A 235 -11.10 -20.48 -28.44
N GLY A 236 -11.40 -21.07 -27.29
CA GLY A 236 -10.43 -21.85 -26.55
C GLY A 236 -9.55 -21.03 -25.63
N ARG A 237 -9.68 -19.72 -25.69
CA ARG A 237 -8.87 -18.82 -24.87
C ARG A 237 -9.53 -18.54 -23.53
N LEU A 238 -8.71 -18.45 -22.49
CA LEU A 238 -9.21 -18.10 -21.17
C LEU A 238 -9.25 -16.58 -21.03
N ARG A 239 -10.40 -16.06 -20.62
CA ARG A 239 -10.60 -14.61 -20.50
C ARG A 239 -10.36 -14.13 -19.08
N VAL A 240 -9.25 -13.41 -18.89
CA VAL A 240 -8.84 -12.94 -17.57
C VAL A 240 -9.08 -11.43 -17.45
N GLY A 241 -9.73 -11.02 -16.37
CA GLY A 241 -10.01 -9.61 -16.14
C GLY A 241 -9.27 -9.07 -14.94
N TYR A 242 -8.41 -8.08 -15.17
CA TYR A 242 -7.69 -7.43 -14.08
C TYR A 242 -8.40 -6.15 -13.66
N VAL A 243 -8.82 -6.09 -12.40
CA VAL A 243 -9.55 -4.92 -11.89
C VAL A 243 -8.71 -4.14 -10.90
N SER A 244 -8.40 -2.89 -11.24
CA SER A 244 -7.58 -2.05 -10.38
C SER A 244 -7.88 -0.57 -10.55
N SER A 245 -7.85 0.16 -9.45
CA SER A 245 -7.95 1.61 -9.48
C SER A 245 -6.56 2.22 -9.67
N ASP A 246 -5.56 1.37 -9.84
CA ASP A 246 -4.17 1.83 -9.81
C ASP A 246 -3.41 1.63 -11.13
N PHE A 247 -4.14 1.65 -12.24
CA PHE A 247 -3.51 1.68 -13.57
C PHE A 247 -3.11 3.13 -13.85
N GLY A 248 -1.87 3.46 -13.51
CA GLY A 248 -1.37 4.83 -13.57
C GLY A 248 -0.14 4.94 -12.70
N ASN A 249 0.23 6.15 -12.30
CA ASN A 249 1.40 6.32 -11.43
C ASN A 249 1.09 5.87 -10.01
N HIS A 250 1.25 4.58 -9.75
CA HIS A 250 0.96 3.98 -8.46
C HIS A 250 1.83 2.73 -8.40
N PRO A 251 2.34 2.40 -7.19
CA PRO A 251 3.21 1.24 -6.97
C PRO A 251 2.71 -0.03 -7.65
N THR A 252 1.39 -0.21 -7.73
CA THR A 252 0.81 -1.37 -8.39
C THR A 252 1.28 -1.49 -9.84
N SER A 253 1.18 -0.39 -10.59
CA SER A 253 1.65 -0.39 -11.97
C SER A 253 3.18 -0.51 -12.06
N HIS A 254 3.88 0.01 -11.06
CA HIS A 254 5.33 -0.12 -11.02
C HIS A 254 5.75 -1.58 -10.88
N LEU A 255 4.83 -2.41 -10.40
CA LEU A 255 5.11 -3.83 -10.22
C LEU A 255 4.69 -4.67 -11.43
N MET A 256 3.48 -4.43 -11.94
CA MET A 256 2.89 -5.37 -12.90
C MET A 256 2.52 -4.83 -14.28
N GLN A 257 2.94 -3.61 -14.61
CA GLN A 257 2.52 -2.98 -15.86
C GLN A 257 2.88 -3.76 -17.13
N SER A 258 3.90 -4.62 -17.05
CA SER A 258 4.32 -5.41 -18.21
C SER A 258 3.54 -6.71 -18.37
N ILE A 259 2.86 -7.12 -17.31
CA ILE A 259 2.21 -8.44 -17.28
C ILE A 259 1.07 -8.67 -18.30
N PRO A 260 0.14 -7.69 -18.45
CA PRO A 260 -0.92 -7.91 -19.46
C PRO A 260 -0.39 -8.11 -20.88
N GLY A 261 0.66 -7.38 -21.25
CA GLY A 261 1.24 -7.50 -22.57
C GLY A 261 2.07 -8.75 -22.78
N MET A 262 2.39 -9.45 -21.70
CA MET A 262 3.22 -10.66 -21.80
C MET A 262 2.41 -11.95 -21.76
N HIS A 263 1.10 -11.83 -21.57
CA HIS A 263 0.21 -12.99 -21.61
C HIS A 263 0.20 -13.61 -23.00
N ASN A 264 0.14 -14.94 -23.04
CA ASN A 264 0.08 -15.68 -24.29
C ASN A 264 -1.28 -15.53 -24.97
N PRO A 265 -1.33 -14.81 -26.09
CA PRO A 265 -2.60 -14.50 -26.76
C PRO A 265 -3.18 -15.71 -27.50
N ASP A 266 -2.44 -16.81 -27.53
CA ASP A 266 -2.96 -18.05 -28.10
C ASP A 266 -3.88 -18.75 -27.11
N LYS A 267 -3.68 -18.49 -25.82
CA LYS A 267 -4.45 -19.17 -24.78
C LYS A 267 -5.18 -18.22 -23.84
N PHE A 268 -4.87 -16.93 -23.92
CA PHE A 268 -5.43 -15.95 -23.00
C PHE A 268 -5.91 -14.68 -23.68
N GLU A 269 -7.03 -14.15 -23.18
CA GLU A 269 -7.55 -12.87 -23.65
C GLU A 269 -7.61 -11.92 -22.47
N VAL A 270 -6.82 -10.86 -22.51
CA VAL A 270 -6.64 -9.99 -21.36
C VAL A 270 -7.57 -8.79 -21.36
N PHE A 271 -8.33 -8.66 -20.28
CA PHE A 271 -9.21 -7.53 -20.07
C PHE A 271 -8.73 -6.73 -18.87
N CYS A 272 -8.48 -5.44 -19.05
CA CYS A 272 -8.13 -4.59 -17.92
C CYS A 272 -9.27 -3.64 -17.60
N TYR A 273 -9.77 -3.71 -16.38
CA TYR A 273 -10.85 -2.83 -15.92
C TYR A 273 -10.32 -1.78 -14.95
N ALA A 274 -10.22 -0.55 -15.42
CA ALA A 274 -9.73 0.55 -14.60
C ALA A 274 -10.84 1.16 -13.76
N LEU A 275 -10.59 1.31 -12.46
CA LEU A 275 -11.55 1.95 -11.57
C LEU A 275 -11.26 3.44 -11.43
N SER A 276 -10.15 3.88 -12.01
CA SER A 276 -9.78 5.29 -11.97
C SER A 276 -9.64 5.85 -13.39
N PRO A 277 -9.79 7.17 -13.54
CA PRO A 277 -9.61 7.78 -14.86
C PRO A 277 -8.14 7.86 -15.27
N ASP A 278 -7.91 8.21 -16.53
CA ASP A 278 -6.58 8.32 -17.11
C ASP A 278 -5.82 9.48 -16.46
N ASP A 279 -4.68 9.18 -15.85
CA ASP A 279 -3.87 10.22 -15.21
C ASP A 279 -2.81 10.80 -16.16
N GLY A 280 -2.86 10.37 -17.42
CA GLY A 280 -1.96 10.90 -18.43
C GLY A 280 -0.52 10.42 -18.35
N THR A 281 -0.25 9.41 -17.53
CA THR A 281 1.12 8.88 -17.40
C THR A 281 1.39 7.72 -18.35
N ASN A 282 2.67 7.46 -18.62
CA ASN A 282 3.09 6.37 -19.49
C ASN A 282 2.67 5.01 -18.94
N PHE A 283 2.49 4.93 -17.62
CA PHE A 283 2.05 3.70 -16.99
C PHE A 283 0.65 3.34 -17.47
N ARG A 284 -0.24 4.32 -17.49
CA ARG A 284 -1.61 4.13 -17.95
C ARG A 284 -1.63 3.82 -19.45
N VAL A 285 -0.80 4.55 -20.20
CA VAL A 285 -0.68 4.36 -21.64
C VAL A 285 -0.30 2.93 -22.00
N LYS A 286 0.73 2.41 -21.33
CA LYS A 286 1.24 1.07 -21.59
C LYS A 286 0.18 -0.01 -21.38
N VAL A 287 -0.56 0.08 -20.29
CA VAL A 287 -1.58 -0.91 -19.98
C VAL A 287 -2.74 -0.84 -20.98
N MET A 288 -3.16 0.38 -21.32
CA MET A 288 -4.22 0.58 -22.30
C MET A 288 -3.83 0.04 -23.68
N ALA A 289 -2.54 0.09 -24.00
CA ALA A 289 -2.06 -0.31 -25.31
C ALA A 289 -1.80 -1.81 -25.41
N GLU A 290 -1.29 -2.40 -24.34
CA GLU A 290 -0.85 -3.80 -24.37
C GLU A 290 -1.92 -4.81 -23.95
N ALA A 291 -2.90 -4.36 -23.19
CA ALA A 291 -4.04 -5.23 -22.87
C ALA A 291 -4.85 -5.46 -24.14
N ASN A 292 -5.37 -6.68 -24.31
CA ASN A 292 -6.23 -6.96 -25.45
C ASN A 292 -7.45 -6.05 -25.44
N HIS A 293 -8.02 -5.86 -24.26
CA HIS A 293 -9.15 -4.95 -24.08
C HIS A 293 -8.95 -4.10 -22.82
N PHE A 294 -9.16 -2.80 -22.96
CA PHE A 294 -9.09 -1.89 -21.82
C PHE A 294 -10.45 -1.23 -21.59
N ILE A 295 -10.96 -1.32 -20.37
CA ILE A 295 -12.29 -0.79 -20.06
C ILE A 295 -12.21 0.19 -18.90
N ASP A 296 -12.62 1.43 -19.16
CA ASP A 296 -12.60 2.47 -18.14
C ASP A 296 -13.90 2.44 -17.33
N LEU A 297 -13.90 1.70 -16.23
CA LEU A 297 -15.10 1.57 -15.40
C LEU A 297 -15.38 2.83 -14.59
N SER A 298 -14.43 3.76 -14.56
CA SER A 298 -14.66 5.05 -13.91
C SER A 298 -15.70 5.87 -14.68
N GLN A 299 -15.99 5.44 -15.91
CA GLN A 299 -17.06 6.04 -16.71
C GLN A 299 -18.40 5.39 -16.38
N ILE A 300 -18.36 4.29 -15.63
CA ILE A 300 -19.56 3.57 -15.24
C ILE A 300 -19.63 3.42 -13.72
N PRO A 301 -20.03 4.50 -13.03
CA PRO A 301 -20.02 4.52 -11.56
C PRO A 301 -21.07 3.61 -10.92
N CYS A 302 -22.13 3.29 -11.65
CA CYS A 302 -23.14 2.37 -11.14
C CYS A 302 -22.58 0.95 -11.10
N ASN A 303 -22.47 0.38 -9.91
CA ASN A 303 -21.85 -0.93 -9.73
C ASN A 303 -22.62 -2.06 -10.42
N GLY A 304 -23.93 -1.88 -10.55
CA GLY A 304 -24.76 -2.85 -11.25
C GLY A 304 -24.43 -2.91 -12.73
N LYS A 305 -24.28 -1.73 -13.33
CA LYS A 305 -23.96 -1.66 -14.76
C LYS A 305 -22.51 -2.04 -15.04
N ALA A 306 -21.62 -1.73 -14.09
CA ALA A 306 -20.22 -2.09 -14.25
C ALA A 306 -20.04 -3.60 -14.21
N ALA A 307 -20.72 -4.24 -13.26
CA ALA A 307 -20.66 -5.69 -13.15
C ALA A 307 -21.30 -6.35 -14.36
N ASP A 308 -22.37 -5.73 -14.88
CA ASP A 308 -23.02 -6.18 -16.10
C ASP A 308 -22.05 -6.16 -17.27
N ARG A 309 -21.22 -5.13 -17.33
CA ARG A 309 -20.21 -5.00 -18.38
C ARG A 309 -19.19 -6.12 -18.33
N ILE A 310 -18.68 -6.39 -17.12
CA ILE A 310 -17.70 -7.45 -16.92
C ILE A 310 -18.28 -8.79 -17.36
N HIS A 311 -19.53 -9.05 -16.98
CA HIS A 311 -20.21 -10.29 -17.32
C HIS A 311 -20.42 -10.45 -18.83
N GLN A 312 -20.69 -9.34 -19.51
CA GLN A 312 -20.92 -9.37 -20.96
C GLN A 312 -19.64 -9.70 -21.73
N ASP A 313 -18.50 -9.41 -21.13
CA ASP A 313 -17.22 -9.75 -21.74
C ASP A 313 -16.92 -11.23 -21.60
N GLY A 314 -17.69 -11.91 -20.75
CA GLY A 314 -17.53 -13.34 -20.54
C GLY A 314 -16.27 -13.71 -19.78
N ILE A 315 -15.94 -12.90 -18.77
CA ILE A 315 -14.75 -13.13 -17.97
C ILE A 315 -14.82 -14.45 -17.19
N HIS A 316 -13.76 -15.25 -17.30
CA HIS A 316 -13.69 -16.52 -16.58
C HIS A 316 -13.05 -16.31 -15.20
N ILE A 317 -11.97 -15.53 -15.17
CA ILE A 317 -11.28 -15.22 -13.91
C ILE A 317 -11.15 -13.71 -13.70
N LEU A 318 -11.82 -13.20 -12.69
CA LEU A 318 -11.74 -11.78 -12.34
C LEU A 318 -10.73 -11.60 -11.20
N VAL A 319 -9.80 -10.67 -11.38
CA VAL A 319 -8.71 -10.51 -10.44
C VAL A 319 -8.82 -9.21 -9.65
N ASN A 320 -8.89 -9.35 -8.32
CA ASN A 320 -8.97 -8.19 -7.43
C ASN A 320 -7.59 -7.70 -7.00
N MET A 321 -7.24 -6.50 -7.46
CA MET A 321 -5.92 -5.96 -7.20
C MET A 321 -5.94 -4.84 -6.15
N ASN A 322 -7.12 -4.60 -5.58
CA ASN A 322 -7.28 -3.52 -4.62
C ASN A 322 -7.42 -3.97 -3.16
N GLY A 323 -8.28 -4.95 -2.92
CA GLY A 323 -8.63 -5.31 -1.56
C GLY A 323 -9.25 -4.10 -0.88
N TYR A 324 -8.93 -3.89 0.39
CA TYR A 324 -9.50 -2.76 1.12
C TYR A 324 -8.58 -1.53 1.07
N THR A 325 -8.52 -0.91 -0.10
CA THR A 325 -7.70 0.28 -0.32
C THR A 325 -8.52 1.32 -1.08
N LYS A 326 -7.99 2.54 -1.17
CA LYS A 326 -8.71 3.62 -1.81
C LYS A 326 -8.94 3.36 -3.30
N GLY A 327 -10.13 3.68 -3.78
CA GLY A 327 -10.46 3.47 -5.18
C GLY A 327 -11.07 2.10 -5.45
N ALA A 328 -11.09 1.24 -4.44
CA ALA A 328 -11.65 -0.10 -4.59
C ALA A 328 -13.15 -0.04 -4.87
N ARG A 329 -13.63 -0.98 -5.68
CA ARG A 329 -15.05 -1.18 -5.88
C ARG A 329 -15.35 -2.67 -5.72
N ASN A 330 -15.20 -3.17 -4.50
CA ASN A 330 -15.39 -4.58 -4.21
C ASN A 330 -16.85 -5.01 -4.33
N GLU A 331 -17.73 -4.04 -4.54
CA GLU A 331 -19.12 -4.31 -4.87
C GLU A 331 -19.21 -5.09 -6.18
N LEU A 332 -18.24 -4.85 -7.07
CA LEU A 332 -18.18 -5.56 -8.34
C LEU A 332 -17.94 -7.05 -8.13
N PHE A 333 -17.05 -7.39 -7.20
CA PHE A 333 -16.77 -8.78 -6.89
C PHE A 333 -17.88 -9.43 -6.08
N ALA A 334 -18.55 -8.63 -5.24
CA ALA A 334 -19.67 -9.13 -4.45
C ALA A 334 -20.83 -9.58 -5.34
N LEU A 335 -20.93 -8.97 -6.52
CA LEU A 335 -21.99 -9.31 -7.47
C LEU A 335 -21.67 -10.59 -8.26
N ARG A 336 -20.42 -11.02 -8.19
CA ARG A 336 -19.95 -12.23 -8.88
C ARG A 336 -20.30 -12.32 -10.36
N PRO A 337 -19.75 -11.41 -11.18
CA PRO A 337 -20.00 -11.49 -12.63
C PRO A 337 -19.10 -12.54 -13.30
N ALA A 338 -18.20 -13.14 -12.52
CA ALA A 338 -17.29 -14.16 -13.02
C ALA A 338 -17.33 -15.40 -12.13
N PRO A 339 -17.07 -16.59 -12.71
CA PRO A 339 -17.13 -17.84 -11.95
C PRO A 339 -15.94 -18.05 -11.00
N ILE A 340 -14.81 -17.41 -11.29
CA ILE A 340 -13.62 -17.53 -10.45
C ILE A 340 -13.06 -16.15 -10.16
N GLN A 341 -12.96 -15.80 -8.88
CA GLN A 341 -12.48 -14.48 -8.48
C GLN A 341 -11.30 -14.59 -7.51
N ALA A 342 -10.21 -13.90 -7.83
CA ALA A 342 -8.96 -14.07 -7.08
C ALA A 342 -8.34 -12.76 -6.59
N MET A 343 -7.82 -12.78 -5.37
CA MET A 343 -7.04 -11.68 -4.84
C MET A 343 -5.60 -11.78 -5.34
N TRP A 344 -5.04 -10.68 -5.81
CA TRP A 344 -3.69 -10.73 -6.36
C TRP A 344 -2.86 -9.44 -6.18
N LEU A 345 -1.73 -9.59 -5.51
CA LEU A 345 -0.64 -8.61 -5.52
C LEU A 345 -0.91 -7.31 -4.76
N GLY A 346 -2.00 -6.63 -5.09
CA GLY A 346 -2.27 -5.31 -4.55
C GLY A 346 -2.50 -5.26 -3.05
N TYR A 347 -3.31 -6.17 -2.53
CA TYR A 347 -3.66 -6.11 -1.11
C TYR A 347 -2.96 -7.20 -0.30
N PRO A 348 -2.15 -6.78 0.68
CA PRO A 348 -1.32 -7.69 1.47
C PRO A 348 -2.10 -8.34 2.63
N GLY A 349 -3.14 -9.11 2.30
CA GLY A 349 -3.94 -9.75 3.32
C GLY A 349 -5.21 -10.35 2.78
N THR A 350 -5.97 -11.00 3.66
CA THR A 350 -7.22 -11.64 3.27
C THR A 350 -8.34 -10.62 3.09
N SER A 351 -9.28 -10.94 2.21
CA SER A 351 -10.47 -10.12 2.05
C SER A 351 -11.46 -10.46 3.15
N GLY A 352 -11.40 -11.70 3.64
CA GLY A 352 -12.32 -12.18 4.65
C GLY A 352 -13.71 -12.41 4.10
N ALA A 353 -13.87 -12.21 2.79
CA ALA A 353 -15.17 -12.22 2.15
C ALA A 353 -15.43 -13.50 1.38
N LEU A 354 -16.70 -13.93 1.33
CA LEU A 354 -17.07 -15.16 0.66
C LEU A 354 -17.03 -15.04 -0.86
N PHE A 355 -17.17 -13.82 -1.37
CA PHE A 355 -17.20 -13.62 -2.82
C PHE A 355 -15.82 -13.71 -3.49
N MET A 356 -14.77 -13.82 -2.68
CA MET A 356 -13.43 -14.07 -3.22
C MET A 356 -13.08 -15.54 -3.04
N ASP A 357 -12.68 -16.19 -4.12
CA ASP A 357 -12.39 -17.62 -4.10
C ASP A 357 -10.94 -17.93 -3.74
N TYR A 358 -10.01 -17.23 -4.37
CA TYR A 358 -8.59 -17.51 -4.18
C TYR A 358 -7.80 -16.29 -3.79
N ILE A 359 -6.69 -16.52 -3.09
CA ILE A 359 -5.67 -15.49 -2.95
C ILE A 359 -4.36 -16.03 -3.53
N ILE A 360 -3.84 -15.33 -4.53
CA ILE A 360 -2.62 -15.77 -5.19
C ILE A 360 -1.42 -15.38 -4.34
N THR A 361 -0.73 -16.40 -3.82
CA THR A 361 0.39 -16.20 -2.93
C THR A 361 1.46 -17.25 -3.22
N ASP A 362 2.26 -17.60 -2.23
CA ASP A 362 3.25 -18.67 -2.40
C ASP A 362 3.52 -19.39 -1.09
N GLN A 363 4.25 -20.48 -1.17
CA GLN A 363 4.50 -21.34 -0.01
C GLN A 363 5.29 -20.62 1.09
N GLU A 364 6.19 -19.74 0.70
CA GLU A 364 7.01 -18.99 1.65
C GLU A 364 6.18 -17.92 2.35
N THR A 365 5.43 -17.16 1.55
CA THR A 365 4.59 -16.10 2.07
C THR A 365 3.45 -16.65 2.91
N SER A 366 2.79 -17.68 2.42
CA SER A 366 1.61 -18.22 3.09
C SER A 366 1.67 -19.74 3.24
N PRO A 367 2.45 -20.24 4.21
CA PRO A 367 2.54 -21.67 4.50
C PRO A 367 1.19 -22.22 4.95
N ALA A 368 0.98 -23.52 4.78
CA ALA A 368 -0.30 -24.15 5.11
C ALA A 368 -0.65 -24.06 6.59
N GLU A 369 0.38 -23.93 7.43
CA GLU A 369 0.18 -23.89 8.88
C GLU A 369 -0.44 -22.58 9.36
N VAL A 370 -0.49 -21.58 8.49
CA VAL A 370 -1.14 -20.31 8.82
C VAL A 370 -2.29 -20.02 7.87
N ALA A 371 -2.82 -21.06 7.23
CA ALA A 371 -3.87 -20.91 6.23
C ALA A 371 -5.21 -20.42 6.80
N GLU A 372 -5.39 -20.58 8.10
CA GLU A 372 -6.61 -20.14 8.77
C GLU A 372 -6.69 -18.62 8.83
N GLN A 373 -5.56 -17.98 8.56
CA GLN A 373 -5.46 -16.53 8.51
C GLN A 373 -6.26 -15.97 7.32
N TYR A 374 -6.45 -16.80 6.30
CA TYR A 374 -7.15 -16.38 5.09
C TYR A 374 -8.51 -17.04 4.96
N SER A 375 -9.47 -16.31 4.37
CA SER A 375 -10.78 -16.87 4.09
C SER A 375 -10.78 -17.52 2.72
N GLU A 376 -9.89 -17.06 1.84
CA GLU A 376 -9.76 -17.62 0.50
C GLU A 376 -8.99 -18.93 0.53
N LYS A 377 -9.14 -19.73 -0.51
CA LYS A 377 -8.26 -20.88 -0.71
C LYS A 377 -6.92 -20.34 -1.19
N LEU A 378 -5.84 -21.04 -0.85
CA LEU A 378 -4.51 -20.62 -1.26
C LEU A 378 -4.21 -21.06 -2.69
N ALA A 379 -3.63 -20.16 -3.47
CA ALA A 379 -3.19 -20.47 -4.82
C ALA A 379 -1.71 -20.14 -4.95
N TYR A 380 -0.86 -21.16 -5.01
CA TYR A 380 0.59 -20.98 -4.97
C TYR A 380 1.22 -20.67 -6.33
N MET A 381 1.98 -19.58 -6.37
CA MET A 381 2.96 -19.38 -7.42
C MET A 381 4.20 -20.17 -7.02
N PRO A 382 4.93 -20.72 -8.00
CA PRO A 382 6.06 -21.63 -7.72
C PRO A 382 7.21 -21.00 -6.93
N HIS A 383 7.44 -19.70 -7.10
CA HIS A 383 8.54 -19.04 -6.39
C HIS A 383 8.02 -18.01 -5.41
N THR A 384 7.76 -16.80 -5.92
CA THR A 384 7.08 -15.79 -5.12
C THR A 384 5.94 -15.19 -5.93
N PHE A 385 4.90 -14.75 -5.24
CA PHE A 385 3.77 -14.11 -5.90
C PHE A 385 4.13 -12.66 -6.24
N PHE A 386 5.18 -12.16 -5.61
CA PHE A 386 5.57 -10.77 -5.82
C PHE A 386 6.34 -10.62 -7.13
N ILE A 387 6.23 -9.44 -7.73
CA ILE A 387 6.90 -9.15 -8.99
C ILE A 387 7.13 -7.63 -9.07
N GLY A 388 8.10 -7.21 -9.88
CA GLY A 388 8.36 -5.80 -10.09
C GLY A 388 8.75 -5.57 -11.53
N ASP A 389 8.54 -4.35 -12.03
CA ASP A 389 8.88 -4.06 -13.41
C ASP A 389 10.25 -3.40 -13.54
N HIS A 390 11.06 -3.53 -12.49
CA HIS A 390 12.36 -2.87 -12.41
C HIS A 390 13.27 -3.08 -13.62
N ALA A 391 13.30 -4.30 -14.15
CA ALA A 391 14.18 -4.60 -15.30
C ALA A 391 13.78 -3.79 -16.53
N ASN A 392 12.48 -3.52 -16.66
CA ASN A 392 11.96 -2.70 -17.76
C ASN A 392 12.06 -1.20 -17.44
N MET A 393 11.76 -0.83 -16.21
CA MET A 393 11.74 0.58 -15.83
C MET A 393 13.13 1.17 -15.58
N PHE A 394 14.01 0.39 -14.96
CA PHE A 394 15.33 0.92 -14.59
C PHE A 394 16.50 0.08 -15.10
N PRO A 395 16.63 -0.09 -16.43
CA PRO A 395 17.73 -0.93 -16.94
C PRO A 395 19.07 -0.20 -16.89
N HIS A 396 19.04 1.10 -16.65
CA HIS A 396 20.27 1.89 -16.54
C HIS A 396 21.05 1.53 -15.26
N LEU A 397 20.38 0.83 -14.36
CA LEU A 397 21.00 0.39 -13.11
C LEU A 397 21.52 -1.04 -13.21
N LYS A 398 21.42 -1.66 -14.38
CA LYS A 398 21.93 -3.01 -14.56
C LYS A 398 23.45 -3.02 -14.44
N LYS A 399 24.08 -1.94 -14.89
CA LYS A 399 25.53 -1.83 -14.78
C LYS A 399 25.92 -0.54 -14.05
N LYS A 400 27.10 -0.54 -13.44
CA LYS A 400 27.58 0.64 -12.74
C LYS A 400 29.10 0.78 -12.82
N ALA A 401 29.59 1.97 -12.53
CA ALA A 401 31.01 2.22 -12.39
C ALA A 401 31.21 3.09 -11.16
N VAL A 402 32.44 3.15 -10.67
CA VAL A 402 32.74 4.00 -9.52
C VAL A 402 33.96 4.87 -9.77
N ILE A 403 34.05 5.96 -9.03
CA ILE A 403 35.23 6.82 -9.05
C ILE A 403 36.04 6.59 -7.79
N ASP A 404 37.32 6.25 -7.95
CA ASP A 404 38.20 5.98 -6.83
C ASP A 404 38.84 7.27 -6.32
N PHE A 405 38.26 7.84 -5.26
CA PHE A 405 38.81 9.04 -4.66
C PHE A 405 39.95 8.71 -3.70
N LYS A 406 40.97 8.03 -4.21
CA LYS A 406 42.12 7.65 -3.43
C LYS A 406 43.41 8.18 -4.04
N ILE A 411 39.10 0.27 -2.43
CA ILE A 411 38.14 0.63 -3.46
C ILE A 411 36.70 0.26 -3.08
N TYR A 412 35.85 1.27 -2.98
CA TYR A 412 34.45 1.09 -2.58
C TYR A 412 33.52 0.90 -3.78
N ASP A 413 32.46 0.13 -3.59
CA ASP A 413 31.48 -0.08 -4.64
C ASP A 413 30.25 0.82 -4.48
N ASN A 414 30.25 1.67 -3.46
CA ASN A 414 29.04 2.41 -3.10
C ASN A 414 29.25 3.79 -2.48
N ARG A 415 30.35 4.45 -2.85
CA ARG A 415 30.62 5.79 -2.34
C ARG A 415 30.33 6.84 -3.40
N ILE A 416 30.83 6.60 -4.61
CA ILE A 416 30.59 7.46 -5.76
C ILE A 416 30.25 6.58 -6.95
N VAL A 417 28.98 6.58 -7.34
CA VAL A 417 28.48 5.62 -8.33
C VAL A 417 28.01 6.32 -9.61
N LEU A 418 28.31 5.72 -10.76
CA LEU A 418 27.75 6.18 -12.02
C LEU A 418 26.92 5.06 -12.65
N ASN A 419 25.77 5.44 -13.23
CA ASN A 419 24.94 4.52 -13.98
C ASN A 419 24.54 5.17 -15.29
N GLY A 420 24.21 4.37 -16.29
CA GLY A 420 23.74 4.90 -17.55
C GLY A 420 23.62 3.88 -18.65
N ILE A 421 22.76 4.17 -19.62
CA ILE A 421 22.58 3.32 -20.78
C ILE A 421 23.82 3.36 -21.66
N ASP A 422 24.43 4.53 -21.75
CA ASP A 422 25.62 4.71 -22.57
C ASP A 422 26.91 4.75 -21.73
N LEU A 423 26.86 4.17 -20.53
CA LEU A 423 28.01 4.20 -19.63
C LEU A 423 29.22 3.46 -20.20
N LYS A 424 28.98 2.28 -20.75
CA LYS A 424 30.02 1.49 -21.38
C LYS A 424 30.69 2.25 -22.52
N ALA A 425 29.87 2.89 -23.35
CA ALA A 425 30.38 3.68 -24.46
C ALA A 425 31.26 4.83 -23.97
N PHE A 426 30.84 5.45 -22.87
CA PHE A 426 31.59 6.55 -22.27
C PHE A 426 32.96 6.09 -21.74
N LEU A 427 32.96 4.95 -21.05
CA LEU A 427 34.18 4.40 -20.46
C LEU A 427 35.22 4.03 -21.51
N ASP A 428 34.76 3.70 -22.71
CA ASP A 428 35.65 3.40 -23.82
C ASP A 428 36.56 4.57 -24.16
N SER A 429 36.07 5.79 -23.93
CA SER A 429 36.82 7.00 -24.25
C SER A 429 37.82 7.35 -23.13
N LEU A 430 37.72 6.64 -22.02
CA LEU A 430 38.59 6.86 -20.88
C LEU A 430 39.58 5.71 -20.73
N PRO A 431 40.81 5.89 -21.25
CA PRO A 431 41.79 4.81 -21.29
C PRO A 431 42.44 4.49 -19.94
N ASP A 432 42.27 5.34 -18.93
CA ASP A 432 42.91 5.09 -17.65
C ASP A 432 42.00 4.37 -16.65
N VAL A 433 40.80 4.01 -17.09
CA VAL A 433 39.86 3.24 -16.28
C VAL A 433 40.37 1.83 -15.98
N LYS A 434 40.31 1.43 -14.70
CA LYS A 434 40.71 0.09 -14.30
C LYS A 434 39.48 -0.80 -14.07
N ILE A 435 39.55 -2.04 -14.53
CA ILE A 435 38.47 -2.99 -14.31
C ILE A 435 38.78 -3.90 -13.13
N VAL A 436 38.11 -3.66 -12.01
CA VAL A 436 38.35 -4.42 -10.78
C VAL A 436 37.43 -5.63 -10.66
N LYS A 437 38.03 -6.81 -10.50
CA LYS A 437 37.29 -8.05 -10.38
C LYS A 437 36.65 -8.14 -9.00
N MET A 438 35.33 -8.33 -8.97
CA MET A 438 34.60 -8.44 -7.72
C MET A 438 34.12 -9.86 -7.45
N LEU A 454 30.12 -10.50 -14.15
CA LEU A 454 30.29 -9.06 -14.25
C LEU A 454 31.20 -8.53 -13.14
N ASN A 455 32.17 -7.71 -13.52
CA ASN A 455 33.03 -7.04 -12.55
C ASN A 455 32.80 -5.52 -12.57
N MET A 456 33.72 -4.76 -12.00
CA MET A 456 33.46 -3.34 -11.80
C MET A 456 34.56 -2.40 -12.34
N PRO A 457 34.16 -1.51 -13.26
CA PRO A 457 35.05 -0.47 -13.79
C PRO A 457 35.27 0.65 -12.78
N VAL A 458 36.51 1.10 -12.67
CA VAL A 458 36.89 2.10 -11.68
C VAL A 458 37.62 3.27 -12.34
N ILE A 459 37.03 4.46 -12.25
CA ILE A 459 37.68 5.66 -12.77
C ILE A 459 38.62 6.24 -11.73
N PRO A 460 39.90 6.43 -12.11
CA PRO A 460 40.87 6.99 -11.17
C PRO A 460 40.61 8.47 -10.94
N MET A 461 41.34 9.08 -10.01
CA MET A 461 41.16 10.49 -9.72
C MET A 461 41.87 11.36 -10.77
N ASN A 462 41.28 11.42 -11.97
CA ASN A 462 41.85 12.19 -13.06
C ASN A 462 41.07 13.48 -13.33
N THR A 463 41.33 14.09 -14.48
CA THR A 463 40.65 15.32 -14.88
C THR A 463 39.13 15.14 -14.97
N ILE A 464 38.71 14.03 -15.58
CA ILE A 464 37.29 13.74 -15.74
C ILE A 464 36.61 13.54 -14.39
N ALA A 465 37.25 12.78 -13.51
CA ALA A 465 36.69 12.48 -12.20
C ALA A 465 36.56 13.75 -11.36
N GLU A 466 37.55 14.63 -11.46
CA GLU A 466 37.52 15.89 -10.73
C GLU A 466 36.39 16.80 -11.23
N ALA A 467 36.10 16.72 -12.52
CA ALA A 467 35.03 17.52 -13.11
C ALA A 467 33.68 17.03 -12.63
N VAL A 468 33.53 15.71 -12.54
CA VAL A 468 32.30 15.10 -12.05
C VAL A 468 32.07 15.45 -10.59
N ILE A 469 33.13 15.36 -9.79
CA ILE A 469 33.04 15.65 -8.36
C ILE A 469 32.80 17.14 -8.10
N GLU A 470 33.37 18.00 -8.93
CA GLU A 470 33.10 19.43 -8.84
C GLU A 470 31.62 19.72 -9.09
N MET A 471 31.02 19.01 -10.05
CA MET A 471 29.61 19.16 -10.36
C MET A 471 28.74 18.89 -9.14
N ILE A 472 29.05 17.80 -8.43
CA ILE A 472 28.29 17.41 -7.26
C ILE A 472 28.50 18.40 -6.11
N ASN A 473 29.75 18.80 -5.90
CA ASN A 473 30.08 19.75 -4.83
C ASN A 473 29.48 21.15 -5.06
N ARG A 474 29.36 21.54 -6.32
CA ARG A 474 28.86 22.87 -6.65
C ARG A 474 27.36 22.88 -6.94
N GLY A 475 26.74 21.71 -6.91
CA GLY A 475 25.32 21.61 -7.17
C GLY A 475 24.94 21.93 -8.61
N GLN A 476 25.86 21.66 -9.53
CA GLN A 476 25.58 21.84 -10.95
C GLN A 476 24.64 20.75 -11.43
N ILE A 477 23.84 21.05 -12.44
CA ILE A 477 22.81 20.12 -12.91
C ILE A 477 23.40 18.99 -13.76
N GLN A 478 24.19 19.35 -14.75
CA GLN A 478 24.86 18.37 -15.59
C GLN A 478 26.03 18.97 -16.36
N ILE A 479 26.96 18.12 -16.77
CA ILE A 479 28.09 18.54 -17.58
C ILE A 479 28.19 17.65 -18.81
N THR A 480 29.07 18.02 -19.72
CA THR A 480 29.26 17.25 -20.94
C THR A 480 30.73 16.87 -21.09
N ILE A 481 30.98 15.58 -21.26
CA ILE A 481 32.34 15.08 -21.45
C ILE A 481 32.38 14.11 -22.62
N ASN A 482 33.22 14.42 -23.62
CA ASN A 482 33.33 13.61 -24.82
C ASN A 482 31.98 13.42 -25.53
N GLY A 483 31.11 14.43 -25.42
CA GLY A 483 29.80 14.38 -26.03
C GLY A 483 28.74 13.75 -25.13
N PHE A 484 29.15 13.13 -24.05
CA PHE A 484 28.23 12.45 -23.13
C PHE A 484 27.71 13.39 -22.05
N SER A 485 26.39 13.37 -21.83
CA SER A 485 25.79 14.13 -20.74
C SER A 485 25.93 13.38 -19.42
N ILE A 486 26.53 14.05 -18.44
CA ILE A 486 26.71 13.47 -17.11
C ILE A 486 25.86 14.27 -16.13
N SER A 487 24.91 13.60 -15.48
CA SER A 487 23.91 14.27 -14.66
C SER A 487 24.13 14.15 -13.15
N ASN A 488 23.83 15.23 -12.45
CA ASN A 488 23.72 15.18 -10.99
C ASN A 488 22.48 14.40 -10.60
N GLY A 489 22.65 13.36 -9.80
CA GLY A 489 21.56 12.49 -9.41
C GLY A 489 20.45 13.17 -8.62
N LEU A 490 20.77 14.32 -8.03
CA LEU A 490 19.78 15.10 -7.29
C LEU A 490 18.92 15.97 -8.20
N ALA A 491 19.29 16.07 -9.48
CA ALA A 491 18.65 17.03 -10.37
C ALA A 491 17.85 16.40 -11.51
N THR A 492 17.44 15.15 -11.35
CA THR A 492 16.77 14.41 -12.42
C THR A 492 15.45 15.05 -12.91
N THR A 493 14.68 15.65 -12.01
CA THR A 493 13.40 16.26 -12.40
C THR A 493 13.61 17.51 -13.26
N GLN A 494 14.73 18.18 -13.07
CA GLN A 494 15.04 19.38 -13.85
C GLN A 494 15.52 19.00 -15.23
N ILE A 495 15.97 17.75 -15.38
CA ILE A 495 16.49 17.28 -16.65
C ILE A 495 15.40 16.55 -17.44
N ASN A 496 14.70 15.62 -16.79
CA ASN A 496 13.63 14.87 -17.43
C ASN A 496 12.62 14.36 -16.40
N ASN A 497 11.48 15.03 -16.31
CA ASN A 497 10.41 14.63 -15.39
C ASN A 497 9.99 13.18 -15.54
N LYS A 498 9.88 12.72 -16.79
CA LYS A 498 9.45 11.35 -17.06
C LYS A 498 10.48 10.33 -16.59
N ALA A 499 11.75 10.69 -16.66
CA ALA A 499 12.81 9.79 -16.22
C ALA A 499 12.81 9.66 -14.70
N ALA A 500 12.45 10.75 -14.01
CA ALA A 500 12.44 10.76 -12.55
C ALA A 500 11.31 9.92 -11.96
N THR A 501 10.18 9.87 -12.65
CA THR A 501 9.01 9.13 -12.18
C THR A 501 9.06 7.65 -12.55
N GLY A 502 9.99 7.29 -13.43
CA GLY A 502 10.07 5.92 -13.90
C GLY A 502 9.27 5.70 -15.16
N GLU A 503 8.66 6.77 -15.67
CA GLU A 503 7.88 6.69 -16.91
C GLU A 503 8.76 6.44 -18.13
N GLU A 504 10.00 6.94 -18.07
CA GLU A 504 10.97 6.73 -19.12
C GLU A 504 12.31 6.34 -18.52
N VAL A 505 13.14 5.68 -19.33
CA VAL A 505 14.51 5.36 -18.93
C VAL A 505 15.37 6.59 -19.11
N PRO A 506 16.14 6.96 -18.07
CA PRO A 506 17.06 8.11 -18.18
C PRO A 506 18.02 7.93 -19.34
N ARG A 507 18.33 9.01 -20.06
CA ARG A 507 19.22 8.93 -21.21
C ARG A 507 20.67 9.27 -20.87
N THR A 508 20.86 10.02 -19.79
CA THR A 508 22.19 10.49 -19.44
C THR A 508 22.87 9.56 -18.45
N ILE A 509 24.18 9.76 -18.28
CA ILE A 509 24.92 9.06 -17.24
C ILE A 509 24.73 9.80 -15.92
N ILE A 510 24.19 9.12 -14.92
CA ILE A 510 23.83 9.74 -13.65
C ILE A 510 24.88 9.49 -12.56
N VAL A 511 25.14 10.51 -11.75
CA VAL A 511 26.10 10.40 -10.66
C VAL A 511 25.41 10.41 -9.30
N THR A 512 25.69 9.38 -8.50
CA THR A 512 25.09 9.23 -7.18
C THR A 512 26.20 9.06 -6.14
N THR A 513 26.21 9.91 -5.12
CA THR A 513 27.27 9.88 -4.12
C THR A 513 26.71 9.91 -2.69
N ARG A 514 27.49 9.38 -1.76
CA ARG A 514 27.10 9.40 -0.35
C ARG A 514 27.08 10.83 0.20
N SER A 515 27.88 11.70 -0.40
CA SER A 515 27.92 13.10 0.02
C SER A 515 26.61 13.83 -0.30
N GLN A 516 25.88 13.35 -1.30
CA GLN A 516 24.59 13.94 -1.65
C GLN A 516 23.57 13.78 -0.53
N TYR A 517 23.77 12.79 0.33
CA TYR A 517 22.82 12.51 1.40
C TYR A 517 23.42 12.59 2.80
N GLY A 518 24.65 13.10 2.89
CA GLY A 518 25.31 13.26 4.16
C GLY A 518 25.68 11.94 4.81
N LEU A 519 25.87 10.92 3.98
CA LEU A 519 26.29 9.62 4.48
C LEU A 519 27.81 9.59 4.65
N PRO A 520 28.31 8.95 5.71
CA PRO A 520 29.76 8.90 5.95
C PRO A 520 30.48 8.11 4.87
N GLU A 521 31.70 8.52 4.54
CA GLU A 521 32.49 7.89 3.50
C GLU A 521 33.19 6.61 3.97
N ASP A 522 33.42 6.48 5.28
CA ASP A 522 34.17 5.34 5.79
C ASP A 522 33.42 4.59 6.89
N ALA A 523 32.13 4.31 6.65
CA ALA A 523 31.35 3.57 7.61
C ALA A 523 30.25 2.75 6.93
N ILE A 524 29.78 1.71 7.62
CA ILE A 524 28.70 0.88 7.13
C ILE A 524 27.38 1.61 7.16
N VAL A 525 26.65 1.58 6.05
CA VAL A 525 25.33 2.19 6.01
C VAL A 525 24.23 1.13 5.97
N TYR A 526 23.45 1.06 7.03
CA TYR A 526 22.24 0.24 7.06
C TYR A 526 21.06 1.13 6.68
N CYS A 527 20.23 0.66 5.76
CA CYS A 527 19.12 1.49 5.29
C CYS A 527 17.75 0.84 5.49
N ASN A 528 16.73 1.68 5.52
CA ASN A 528 15.35 1.25 5.38
C ASN A 528 14.54 2.42 4.83
N PHE A 529 13.91 2.19 3.68
CA PHE A 529 13.27 3.26 2.93
C PHE A 529 11.74 3.20 2.99
N ASN A 530 11.21 2.47 3.96
CA ASN A 530 9.77 2.36 4.11
C ASN A 530 9.16 3.58 4.82
N GLN A 531 7.84 3.69 4.75
CA GLN A 531 7.13 4.64 5.59
C GLN A 531 7.40 4.28 7.05
N LEU A 532 7.52 5.31 7.89
CA LEU A 532 7.93 5.11 9.27
C LEU A 532 6.93 4.31 10.11
N TYR A 533 5.69 4.19 9.64
CA TYR A 533 4.66 3.46 10.40
C TYR A 533 5.00 1.98 10.59
N LYS A 534 5.85 1.46 9.71
CA LYS A 534 6.23 0.06 9.76
C LYS A 534 7.21 -0.23 10.90
N ILE A 535 7.71 0.82 11.53
CA ILE A 535 8.64 0.70 12.66
C ILE A 535 7.91 0.75 14.01
N ASP A 536 8.20 -0.22 14.87
CA ASP A 536 7.70 -0.21 16.24
C ASP A 536 8.89 -0.19 17.22
N PRO A 537 8.64 0.01 18.54
CA PRO A 537 9.74 0.00 19.51
C PRO A 537 10.65 -1.22 19.43
N SER A 538 10.07 -2.41 19.21
CA SER A 538 10.87 -3.64 19.16
C SER A 538 11.84 -3.64 17.99
N THR A 539 11.44 -3.04 16.88
CA THR A 539 12.27 -2.99 15.70
C THR A 539 13.47 -2.07 15.90
N LEU A 540 13.20 -0.88 16.44
CA LEU A 540 14.25 0.10 16.69
C LEU A 540 15.25 -0.41 17.73
N GLN A 541 14.74 -1.16 18.70
CA GLN A 541 15.59 -1.79 19.70
C GLN A 541 16.54 -2.79 19.05
N MET A 542 16.01 -3.57 18.12
CA MET A 542 16.80 -4.56 17.40
C MET A 542 17.86 -3.87 16.54
N TRP A 543 17.47 -2.76 15.90
CA TRP A 543 18.40 -1.98 15.09
C TRP A 543 19.48 -1.33 15.96
N ALA A 544 19.10 -0.93 17.18
CA ALA A 544 20.05 -0.34 18.12
C ALA A 544 21.11 -1.34 18.55
N ASN A 545 20.69 -2.59 18.77
CA ASN A 545 21.60 -3.65 19.15
C ASN A 545 22.64 -3.91 18.07
N ILE A 546 22.20 -3.81 16.81
CA ILE A 546 23.10 -4.01 15.68
C ILE A 546 24.11 -2.87 15.56
N LEU A 547 23.62 -1.63 15.62
CA LEU A 547 24.48 -0.46 15.50
C LEU A 547 25.53 -0.41 16.61
N LYS A 548 25.15 -0.88 17.79
CA LYS A 548 26.06 -0.91 18.94
C LYS A 548 27.19 -1.91 18.73
N ARG A 549 26.92 -2.97 17.97
CA ARG A 549 27.91 -4.01 17.74
C ARG A 549 28.75 -3.76 16.49
N VAL A 550 28.34 -2.77 15.69
CA VAL A 550 29.12 -2.38 14.52
C VAL A 550 29.53 -0.92 14.68
N PRO A 551 30.72 -0.69 15.28
CA PRO A 551 31.22 0.62 15.70
C PRO A 551 31.04 1.71 14.65
N ASN A 552 31.60 1.48 13.46
CA ASN A 552 31.48 2.44 12.39
C ASN A 552 30.30 2.12 11.49
N SER A 553 29.10 2.50 11.93
CA SER A 553 27.90 2.25 11.16
C SER A 553 26.79 3.26 11.48
N VAL A 554 26.00 3.59 10.47
CA VAL A 554 24.86 4.48 10.66
C VAL A 554 23.59 3.83 10.13
N LEU A 555 22.45 4.36 10.57
CA LEU A 555 21.16 3.93 10.06
C LEU A 555 20.58 5.03 9.16
N TRP A 556 20.13 4.63 7.97
CA TRP A 556 19.66 5.57 6.95
C TRP A 556 18.15 5.41 6.77
N LEU A 557 17.39 6.43 7.17
CA LEU A 557 15.94 6.39 7.08
C LEU A 557 15.39 7.60 6.31
N LEU A 558 14.09 7.56 6.02
CA LEU A 558 13.44 8.63 5.25
C LEU A 558 12.49 9.47 6.12
N ARG A 559 12.39 10.75 5.77
CA ARG A 559 11.39 11.63 6.38
C ARG A 559 10.04 11.30 5.78
N PHE A 560 9.43 10.25 6.31
CA PHE A 560 8.28 9.63 5.68
C PHE A 560 7.21 9.31 6.72
N PRO A 561 6.64 10.35 7.37
CA PRO A 561 6.82 11.78 7.15
C PRO A 561 7.88 12.40 8.05
N ALA A 562 8.24 13.65 7.78
CA ALA A 562 9.30 14.35 8.49
C ALA A 562 9.03 14.50 10.00
N VAL A 563 7.76 14.60 10.38
CA VAL A 563 7.44 14.83 11.79
C VAL A 563 7.72 13.62 12.67
N GLY A 564 7.98 12.47 12.06
CA GLY A 564 8.35 11.28 12.79
C GLY A 564 9.82 11.27 13.21
N GLU A 565 10.63 12.11 12.57
CA GLU A 565 12.07 12.13 12.81
C GLU A 565 12.50 12.40 14.27
N PRO A 566 12.00 13.47 14.90
CA PRO A 566 12.45 13.71 16.28
C PRO A 566 12.02 12.60 17.24
N ASN A 567 10.90 11.93 16.94
CA ASN A 567 10.45 10.81 17.74
C ASN A 567 11.43 9.64 17.69
N ILE A 568 11.79 9.23 16.47
CA ILE A 568 12.76 8.16 16.27
CA ILE A 568 12.75 8.15 16.29
C ILE A 568 14.08 8.49 16.96
N GLN A 569 14.55 9.72 16.78
CA GLN A 569 15.80 10.17 17.38
C GLN A 569 15.77 10.06 18.91
N GLN A 570 14.66 10.50 19.51
CA GLN A 570 14.51 10.43 20.97
C GLN A 570 14.58 9.00 21.47
N TYR A 571 13.81 8.12 20.86
CA TYR A 571 13.75 6.72 21.29
C TYR A 571 15.09 6.01 21.07
N ALA A 572 15.81 6.41 20.04
CA ALA A 572 17.14 5.85 19.78
C ALA A 572 18.13 6.30 20.84
N GLN A 573 18.08 7.57 21.21
CA GLN A 573 18.94 8.09 22.27
C GLN A 573 18.66 7.38 23.59
N ASN A 574 17.38 7.12 23.87
CA ASN A 574 17.01 6.38 25.07
C ASN A 574 17.48 4.93 25.03
N MET A 575 17.75 4.43 23.83
CA MET A 575 18.25 3.07 23.65
C MET A 575 19.78 3.05 23.59
N GLY A 576 20.40 4.20 23.81
CA GLY A 576 21.85 4.29 23.87
C GLY A 576 22.54 4.67 22.58
N LEU A 577 21.76 5.11 21.59
CA LEU A 577 22.30 5.52 20.30
C LEU A 577 22.43 7.03 20.18
N PRO A 578 23.65 7.53 19.96
CA PRO A 578 23.88 8.95 19.70
C PRO A 578 23.08 9.41 18.48
N GLN A 579 22.71 10.68 18.44
CA GLN A 579 21.84 11.21 17.39
C GLN A 579 22.50 11.16 16.02
N ASN A 580 23.82 11.23 15.98
CA ASN A 580 24.56 11.23 14.72
C ASN A 580 24.62 9.85 14.06
N ARG A 581 24.13 8.82 14.76
CA ARG A 581 24.14 7.47 14.22
C ARG A 581 22.95 7.23 13.26
N ILE A 582 21.99 8.13 13.27
CA ILE A 582 20.82 8.00 12.39
C ILE A 582 20.70 9.17 11.41
N ILE A 583 20.72 8.85 10.13
CA ILE A 583 20.70 9.87 9.08
C ILE A 583 19.38 9.83 8.30
N PHE A 584 18.71 10.98 8.24
CA PHE A 584 17.43 11.10 7.58
C PHE A 584 17.55 11.83 6.24
N SER A 585 16.89 11.29 5.22
CA SER A 585 16.84 11.92 3.90
C SER A 585 15.39 12.15 3.50
N PRO A 586 15.14 13.15 2.65
CA PRO A 586 13.75 13.33 2.18
C PRO A 586 13.34 12.20 1.25
N VAL A 587 12.03 12.01 1.10
CA VAL A 587 11.52 11.10 0.08
C VAL A 587 11.92 11.67 -1.27
N ALA A 588 12.16 10.80 -2.24
CA ALA A 588 12.67 11.21 -3.53
C ALA A 588 11.75 10.73 -4.66
N PRO A 589 11.93 11.26 -5.88
CA PRO A 589 11.23 10.69 -7.03
C PRO A 589 11.57 9.19 -7.18
N LYS A 590 10.67 8.44 -7.82
CA LYS A 590 10.81 7.00 -7.97
C LYS A 590 12.22 6.54 -8.39
N GLU A 591 12.74 7.14 -9.46
CA GLU A 591 14.03 6.74 -10.01
C GLU A 591 15.21 6.98 -9.07
N GLU A 592 15.24 8.15 -8.43
CA GLU A 592 16.31 8.47 -7.49
C GLU A 592 16.26 7.56 -6.26
N HIS A 593 15.04 7.25 -5.83
CA HIS A 593 14.81 6.37 -4.69
C HIS A 593 15.40 4.97 -4.91
N VAL A 594 15.15 4.40 -6.08
CA VAL A 594 15.71 3.09 -6.40
C VAL A 594 17.24 3.19 -6.56
N ARG A 595 17.69 4.19 -7.31
CA ARG A 595 19.11 4.39 -7.58
C ARG A 595 19.97 4.61 -6.32
N ARG A 596 19.52 5.44 -5.39
CA ARG A 596 20.33 5.76 -4.22
C ARG A 596 20.45 4.59 -3.24
N GLY A 597 19.66 3.54 -3.46
CA GLY A 597 19.80 2.32 -2.70
C GLY A 597 21.18 1.69 -2.88
N GLN A 598 21.84 2.02 -3.99
CA GLN A 598 23.18 1.52 -4.27
C GLN A 598 24.21 2.04 -3.27
N LEU A 599 23.91 3.15 -2.61
CA LEU A 599 24.85 3.77 -1.68
C LEU A 599 24.93 3.04 -0.33
N ALA A 600 23.90 2.27 -0.02
CA ALA A 600 23.86 1.54 1.24
C ALA A 600 24.67 0.25 1.16
N ASP A 601 25.03 -0.29 2.32
CA ASP A 601 25.70 -1.57 2.38
C ASP A 601 24.70 -2.70 2.57
N VAL A 602 23.77 -2.50 3.51
CA VAL A 602 22.77 -3.49 3.86
C VAL A 602 21.43 -2.82 4.13
N CYS A 603 20.34 -3.45 3.71
CA CYS A 603 19.00 -2.99 4.09
C CYS A 603 18.50 -3.82 5.27
N LEU A 604 17.98 -3.15 6.29
CA LEU A 604 17.37 -3.83 7.42
C LEU A 604 15.85 -3.78 7.26
N ASP A 605 15.24 -4.91 6.95
CA ASP A 605 13.80 -4.97 6.71
C ASP A 605 13.02 -4.86 8.01
N THR A 606 11.84 -4.24 7.93
CA THR A 606 10.95 -4.12 9.08
C THR A 606 10.13 -5.40 9.27
N PRO A 607 10.31 -6.08 10.42
CA PRO A 607 9.62 -7.34 10.70
C PRO A 607 8.11 -7.20 10.94
N LEU A 608 7.67 -6.08 11.51
CA LEU A 608 6.25 -5.89 11.79
C LEU A 608 5.45 -5.93 10.49
N CYS A 609 5.92 -5.16 9.51
CA CYS A 609 5.38 -5.20 8.17
C CYS A 609 6.53 -4.94 7.23
N ASN A 610 6.87 -5.94 6.42
CA ASN A 610 8.03 -5.83 5.54
C ASN A 610 7.89 -4.71 4.52
N GLY A 611 9.02 -4.36 3.89
CA GLY A 611 8.97 -3.62 2.65
C GLY A 611 8.49 -4.60 1.60
N HIS A 612 7.57 -4.16 0.75
CA HIS A 612 7.07 -5.01 -0.31
C HIS A 612 7.58 -4.48 -1.64
N THR A 613 6.98 -3.39 -2.11
CA THR A 613 7.50 -2.68 -3.27
C THR A 613 8.92 -2.19 -2.95
N THR A 614 9.09 -1.66 -1.75
N THR A 614 9.08 -1.66 -1.75
CA THR A 614 10.39 -1.13 -1.34
CA THR A 614 10.36 -1.13 -1.28
C THR A 614 11.42 -2.23 -1.18
C THR A 614 11.41 -2.23 -1.18
N GLY A 615 10.95 -3.45 -0.92
CA GLY A 615 11.82 -4.61 -0.87
C GLY A 615 12.41 -4.91 -2.24
N MET A 616 11.56 -4.88 -3.27
CA MET A 616 12.01 -5.08 -4.64
C MET A 616 12.92 -3.93 -5.08
N ASP A 617 12.56 -2.71 -4.68
CA ASP A 617 13.36 -1.53 -4.99
C ASP A 617 14.82 -1.67 -4.53
N VAL A 618 15.00 -2.16 -3.31
CA VAL A 618 16.34 -2.24 -2.73
C VAL A 618 17.15 -3.38 -3.34
N LEU A 619 16.49 -4.49 -3.68
CA LEU A 619 17.18 -5.64 -4.26
C LEU A 619 17.61 -5.35 -5.69
N TRP A 620 16.86 -4.53 -6.40
CA TRP A 620 17.24 -4.15 -7.76
C TRP A 620 18.51 -3.30 -7.74
N ALA A 621 18.75 -2.60 -6.64
CA ALA A 621 19.95 -1.79 -6.49
C ALA A 621 21.17 -2.64 -6.12
N GLY A 622 20.95 -3.93 -5.88
CA GLY A 622 22.02 -4.84 -5.54
C GLY A 622 22.37 -4.83 -4.05
N THR A 623 21.43 -4.37 -3.23
CA THR A 623 21.68 -4.25 -1.80
C THR A 623 21.07 -5.41 -1.02
N PRO A 624 21.89 -6.13 -0.24
CA PRO A 624 21.39 -7.23 0.58
C PRO A 624 20.35 -6.73 1.58
N MET A 625 19.26 -7.49 1.73
CA MET A 625 18.23 -7.16 2.70
C MET A 625 18.13 -8.25 3.76
N VAL A 626 18.20 -7.86 5.02
CA VAL A 626 18.06 -8.80 6.12
C VAL A 626 16.62 -8.75 6.64
N THR A 627 16.00 -9.91 6.80
CA THR A 627 14.59 -9.96 7.19
C THR A 627 14.31 -11.06 8.21
N MET A 628 13.24 -10.88 8.99
CA MET A 628 12.76 -11.89 9.91
C MET A 628 11.25 -12.07 9.68
N PRO A 629 10.87 -13.13 8.93
CA PRO A 629 9.47 -13.37 8.59
C PRO A 629 8.61 -13.70 9.82
N GLY A 630 7.42 -13.11 9.88
CA GLY A 630 6.50 -13.36 10.96
C GLY A 630 5.44 -14.38 10.59
N GLU A 631 4.19 -14.06 10.90
CA GLU A 631 3.08 -14.97 10.61
C GLU A 631 2.10 -14.39 9.59
N THR A 632 1.84 -13.09 9.70
CA THR A 632 0.96 -12.42 8.74
C THR A 632 1.63 -12.41 7.37
N LEU A 633 0.81 -12.28 6.32
CA LEU A 633 1.30 -12.19 4.96
C LEU A 633 2.27 -11.02 4.82
N ALA A 634 1.87 -9.87 5.36
CA ALA A 634 2.65 -8.64 5.22
C ALA A 634 4.04 -8.73 5.84
N SER A 635 4.20 -9.62 6.81
CA SER A 635 5.47 -9.77 7.51
C SER A 635 6.33 -10.88 6.92
N ARG A 636 5.87 -11.51 5.84
CA ARG A 636 6.59 -12.65 5.27
C ARG A 636 6.99 -12.44 3.81
N VAL A 637 6.57 -11.32 3.22
CA VAL A 637 6.85 -11.03 1.81
C VAL A 637 8.34 -10.93 1.47
N ALA A 638 9.09 -10.20 2.29
CA ALA A 638 10.52 -10.02 2.06
C ALA A 638 11.29 -11.35 2.04
N ALA A 639 10.92 -12.26 2.94
CA ALA A 639 11.57 -13.57 2.97
C ALA A 639 11.24 -14.37 1.72
N SER A 640 10.02 -14.19 1.21
CA SER A 640 9.61 -14.81 -0.04
C SER A 640 10.43 -14.27 -1.21
N GLN A 641 10.67 -12.95 -1.22
CA GLN A 641 11.46 -12.32 -2.27
C GLN A 641 12.90 -12.84 -2.24
N LEU A 642 13.46 -12.96 -1.03
CA LEU A 642 14.83 -13.39 -0.85
C LEU A 642 15.00 -14.87 -1.17
N THR A 643 13.97 -15.66 -0.90
CA THR A 643 14.00 -17.08 -1.23
C THR A 643 14.02 -17.28 -2.74
N CYS A 644 13.24 -16.47 -3.46
CA CYS A 644 13.22 -16.53 -4.91
C CYS A 644 14.55 -16.05 -5.48
N LEU A 645 15.08 -14.98 -4.87
CA LEU A 645 16.37 -14.43 -5.25
C LEU A 645 17.49 -15.46 -5.09
N GLY A 646 17.39 -16.29 -4.05
CA GLY A 646 18.36 -17.33 -3.80
C GLY A 646 19.34 -16.99 -2.69
N CYS A 647 18.90 -16.15 -1.75
CA CYS A 647 19.74 -15.72 -0.64
C CYS A 647 19.11 -16.08 0.70
N LEU A 648 19.05 -17.38 0.98
CA LEU A 648 18.45 -17.88 2.21
C LEU A 648 19.19 -17.40 3.46
N GLU A 649 20.48 -17.10 3.30
CA GLU A 649 21.30 -16.66 4.42
C GLU A 649 20.92 -15.27 4.95
N LEU A 650 20.07 -14.56 4.22
CA LEU A 650 19.61 -13.25 4.65
C LEU A 650 18.28 -13.31 5.39
N ILE A 651 17.75 -14.52 5.53
CA ILE A 651 16.48 -14.73 6.20
C ILE A 651 16.69 -15.24 7.62
N ALA A 652 16.30 -14.46 8.61
CA ALA A 652 16.48 -14.82 10.01
C ALA A 652 15.31 -15.62 10.56
N LYS A 653 15.60 -16.56 11.45
CA LYS A 653 14.57 -17.38 12.08
C LYS A 653 14.09 -16.75 13.39
N ASN A 654 14.86 -15.80 13.90
CA ASN A 654 14.49 -15.06 15.11
C ASN A 654 15.30 -13.77 15.23
N ARG A 655 15.05 -13.02 16.30
CA ARG A 655 15.69 -11.72 16.47
C ARG A 655 17.20 -11.80 16.66
N GLN A 656 17.66 -12.82 17.38
CA GLN A 656 19.09 -13.00 17.59
C GLN A 656 19.82 -13.22 16.28
N GLU A 657 19.22 -14.01 15.40
CA GLU A 657 19.82 -14.31 14.11
C GLU A 657 19.78 -13.10 13.19
N TYR A 658 18.69 -12.34 13.25
CA TYR A 658 18.56 -11.10 12.50
C TYR A 658 19.71 -10.16 12.83
N GLU A 659 19.95 -9.98 14.12
CA GLU A 659 21.04 -9.13 14.57
C GLU A 659 22.40 -9.68 14.16
N ASP A 660 22.60 -10.98 14.33
CA ASP A 660 23.88 -11.61 14.00
C ASP A 660 24.20 -11.50 12.50
N ILE A 661 23.22 -11.78 11.66
CA ILE A 661 23.39 -11.65 10.22
C ILE A 661 23.79 -10.23 9.84
N ALA A 662 23.04 -9.25 10.35
CA ALA A 662 23.32 -7.85 10.06
C ALA A 662 24.70 -7.42 10.58
N VAL A 663 25.07 -7.90 11.75
CA VAL A 663 26.37 -7.55 12.34
C VAL A 663 27.54 -8.20 11.57
N LYS A 664 27.36 -9.44 11.15
CA LYS A 664 28.38 -10.11 10.34
C LYS A 664 28.61 -9.37 9.01
N LEU A 665 27.52 -8.93 8.39
CA LEU A 665 27.63 -8.17 7.14
C LEU A 665 28.33 -6.83 7.35
N GLY A 666 28.17 -6.25 8.53
CA GLY A 666 28.74 -4.96 8.83
C GLY A 666 30.16 -5.00 9.36
N THR A 667 30.62 -6.19 9.75
CA THR A 667 31.95 -6.32 10.33
C THR A 667 32.90 -7.19 9.50
N ASP A 668 32.35 -8.22 8.88
CA ASP A 668 33.14 -9.07 7.98
C ASP A 668 33.01 -8.55 6.56
N LEU A 669 33.97 -7.71 6.16
CA LEU A 669 33.88 -6.99 4.89
C LEU A 669 34.02 -7.86 3.65
N GLU A 670 34.74 -8.98 3.77
CA GLU A 670 34.84 -9.90 2.65
C GLU A 670 33.53 -10.66 2.45
N TYR A 671 32.87 -11.00 3.56
CA TYR A 671 31.56 -11.63 3.49
C TYR A 671 30.53 -10.67 2.89
N LEU A 672 30.64 -9.38 3.24
CA LEU A 672 29.74 -8.37 2.69
C LEU A 672 29.93 -8.27 1.19
N LYS A 673 31.19 -8.28 0.76
CA LYS A 673 31.54 -8.22 -0.65
C LYS A 673 30.93 -9.41 -1.41
N LYS A 674 31.02 -10.59 -0.79
CA LYS A 674 30.46 -11.80 -1.38
C LYS A 674 28.94 -11.72 -1.53
N VAL A 675 28.27 -11.34 -0.45
CA VAL A 675 26.81 -11.26 -0.45
C VAL A 675 26.28 -10.18 -1.40
N ARG A 676 26.93 -9.01 -1.39
CA ARG A 676 26.53 -7.92 -2.29
C ARG A 676 26.70 -8.33 -3.76
N GLY A 677 27.78 -9.05 -4.06
CA GLY A 677 28.02 -9.54 -5.40
C GLY A 677 26.98 -10.56 -5.81
N LYS A 678 26.53 -11.36 -4.84
CA LYS A 678 25.52 -12.38 -5.08
C LYS A 678 24.17 -11.75 -5.45
N VAL A 679 23.79 -10.69 -4.74
CA VAL A 679 22.54 -10.00 -5.00
C VAL A 679 22.58 -9.27 -6.34
N TRP A 680 23.71 -8.62 -6.61
CA TRP A 680 23.92 -7.87 -7.84
C TRP A 680 23.77 -8.78 -9.06
N LYS A 681 24.22 -10.03 -8.94
CA LYS A 681 24.14 -10.98 -10.04
C LYS A 681 22.77 -11.67 -10.12
N GLN A 682 22.24 -12.07 -8.98
CA GLN A 682 21.02 -12.88 -8.98
C GLN A 682 19.72 -12.11 -9.21
N ARG A 683 19.76 -10.79 -9.08
CA ARG A 683 18.59 -9.98 -9.43
C ARG A 683 18.31 -10.14 -10.93
N ILE A 684 19.33 -10.52 -11.68
CA ILE A 684 19.22 -10.74 -13.12
C ILE A 684 18.93 -12.20 -13.43
N SER A 685 19.63 -13.11 -12.77
CA SER A 685 19.61 -14.53 -13.12
C SER A 685 18.49 -15.32 -12.44
N SER A 686 18.03 -14.86 -11.29
CA SER A 686 16.92 -15.51 -10.60
C SER A 686 15.60 -15.08 -11.25
N PRO A 687 14.49 -15.77 -10.94
CA PRO A 687 13.21 -15.37 -11.54
C PRO A 687 12.56 -14.14 -10.90
N LEU A 688 13.20 -13.52 -9.92
CA LEU A 688 12.57 -12.45 -9.13
C LEU A 688 12.05 -11.27 -9.96
N PHE A 689 12.84 -10.79 -10.92
CA PHE A 689 12.43 -9.67 -11.75
C PHE A 689 12.10 -10.09 -13.18
N ASN A 690 11.89 -11.38 -13.38
CA ASN A 690 11.57 -11.92 -14.70
C ASN A 690 10.06 -11.93 -14.94
N THR A 691 9.54 -10.85 -15.51
CA THR A 691 8.11 -10.70 -15.74
C THR A 691 7.58 -11.68 -16.78
N LYS A 692 8.43 -12.09 -17.71
CA LYS A 692 8.03 -13.07 -18.72
C LYS A 692 7.81 -14.44 -18.10
N GLN A 693 8.73 -14.85 -17.24
CA GLN A 693 8.60 -16.12 -16.54
C GLN A 693 7.44 -16.08 -15.56
N TYR A 694 7.28 -14.93 -14.89
CA TYR A 694 6.20 -14.76 -13.94
C TYR A 694 4.84 -14.93 -14.60
N THR A 695 4.68 -14.27 -15.75
CA THR A 695 3.41 -14.30 -16.48
C THR A 695 3.07 -15.73 -16.90
N MET A 696 4.08 -16.46 -17.36
CA MET A 696 3.90 -17.86 -17.77
C MET A 696 3.40 -18.73 -16.62
N GLU A 697 4.02 -18.58 -15.45
CA GLU A 697 3.67 -19.39 -14.30
C GLU A 697 2.31 -18.97 -13.73
N LEU A 698 2.01 -17.68 -13.84
CA LEU A 698 0.71 -17.16 -13.46
C LEU A 698 -0.36 -17.77 -14.35
N GLU A 699 -0.01 -17.98 -15.61
CA GLU A 699 -0.90 -18.62 -16.57
C GLU A 699 -1.16 -20.09 -16.24
N ARG A 700 -0.13 -20.79 -15.80
CA ARG A 700 -0.27 -22.18 -15.40
C ARG A 700 -1.22 -22.29 -14.21
N LEU A 701 -1.13 -21.31 -13.32
CA LEU A 701 -1.98 -21.27 -12.14
C LEU A 701 -3.44 -20.98 -12.52
N TYR A 702 -3.63 -20.06 -13.44
CA TYR A 702 -4.97 -19.73 -13.95
C TYR A 702 -5.64 -20.97 -14.54
N LEU A 703 -4.87 -21.74 -15.30
CA LEU A 703 -5.39 -22.95 -15.93
C LEU A 703 -5.81 -24.00 -14.91
N GLN A 704 -4.99 -24.19 -13.88
CA GLN A 704 -5.34 -25.09 -12.79
C GLN A 704 -6.65 -24.66 -12.13
N MET A 705 -6.83 -23.35 -11.95
CA MET A 705 -8.07 -22.81 -11.40
C MET A 705 -9.25 -23.16 -12.30
N TRP A 706 -9.09 -22.94 -13.59
CA TRP A 706 -10.17 -23.16 -14.54
C TRP A 706 -10.57 -24.63 -14.68
N GLU A 707 -9.59 -25.51 -14.88
CA GLU A 707 -9.85 -26.94 -15.06
C GLU A 707 -10.57 -27.49 -13.82
N HIS A 708 -10.15 -27.03 -12.64
CA HIS A 708 -10.76 -27.43 -11.38
C HIS A 708 -12.23 -27.05 -11.36
N TYR A 709 -12.52 -25.80 -11.72
CA TYR A 709 -13.89 -25.32 -11.80
C TYR A 709 -14.67 -26.04 -12.90
N ALA A 710 -14.04 -26.19 -14.06
CA ALA A 710 -14.68 -26.81 -15.21
C ALA A 710 -14.99 -28.29 -14.99
N ALA A 711 -14.31 -28.90 -14.01
CA ALA A 711 -14.57 -30.28 -13.65
C ALA A 711 -15.72 -30.36 -12.65
N GLY A 712 -16.34 -29.22 -12.36
CA GLY A 712 -17.49 -29.16 -11.49
C GLY A 712 -17.16 -29.10 -10.02
N ASN A 713 -16.02 -28.51 -9.69
CA ASN A 713 -15.57 -28.43 -8.31
C ASN A 713 -15.62 -27.02 -7.74
N LYS A 714 -15.98 -26.91 -6.46
CA LYS A 714 -15.84 -25.65 -5.74
C LYS A 714 -14.36 -25.44 -5.49
N PRO A 715 -13.93 -24.17 -5.37
CA PRO A 715 -12.52 -23.84 -5.13
C PRO A 715 -11.89 -24.64 -4.00
N ASP A 716 -10.63 -25.02 -4.19
CA ASP A 716 -9.84 -25.68 -3.16
C ASP A 716 -8.39 -25.22 -3.31
N HIS A 717 -7.55 -25.53 -2.32
CA HIS A 717 -6.16 -25.06 -2.35
C HIS A 717 -5.41 -25.55 -3.57
N MET A 718 -4.90 -24.61 -4.36
CA MET A 718 -4.07 -24.91 -5.52
C MET A 718 -2.61 -24.82 -5.11
N ILE A 719 -2.19 -25.72 -4.24
CA ILE A 719 -0.83 -25.68 -3.69
C ILE A 719 0.09 -26.66 -4.42
N LYS A 720 -0.29 -27.00 -5.65
CA LYS A 720 0.52 -27.84 -6.53
C LYS A 720 0.97 -29.15 -5.87
N SER B 5 7.64 15.67 -5.32
CA SER B 5 6.36 15.23 -4.79
C SER B 5 6.52 14.11 -3.77
N ASN B 6 5.49 13.92 -2.95
CA ASN B 6 5.40 12.73 -2.11
C ASN B 6 4.99 11.58 -3.01
N PRO B 7 5.65 10.42 -2.88
CA PRO B 7 5.34 9.30 -3.77
C PRO B 7 3.95 8.74 -3.50
N PRO B 8 3.26 8.29 -4.56
CA PRO B 8 2.00 7.57 -4.35
C PRO B 8 2.27 6.26 -3.61
N CYS B 9 1.47 5.96 -2.60
CA CYS B 9 1.61 4.72 -1.84
C CYS B 9 0.29 3.98 -1.83
N GLN B 10 0.28 2.80 -1.22
CA GLN B 10 -0.98 2.13 -0.95
C GLN B 10 -1.71 2.95 0.12
N THR B 11 -2.91 3.40 -0.21
CA THR B 11 -3.64 4.31 0.67
C THR B 11 -4.99 3.74 1.08
N HIS B 12 -5.45 4.15 2.26
CA HIS B 12 -6.75 3.75 2.76
C HIS B 12 -7.47 4.98 3.29
N GLU B 13 -8.76 5.08 2.99
CA GLU B 13 -9.55 6.18 3.52
C GLU B 13 -9.89 5.92 4.98
N THR B 14 -9.82 6.95 5.80
CA THR B 14 -10.13 6.84 7.22
C THR B 14 -11.64 6.80 7.40
N GLY B 15 -12.12 5.84 8.18
CA GLY B 15 -13.55 5.74 8.46
C GLY B 15 -14.04 6.91 9.29
N THR B 16 -15.32 7.25 9.13
CA THR B 16 -15.93 8.31 9.91
C THR B 16 -17.03 7.76 10.80
N THR B 17 -17.53 8.61 11.69
CA THR B 17 -18.54 8.19 12.65
C THR B 17 -19.87 8.89 12.36
N ASN B 18 -20.89 8.11 12.04
CA ASN B 18 -22.24 8.65 11.89
C ASN B 18 -22.90 8.80 13.25
N THR B 19 -23.68 9.87 13.42
CA THR B 19 -24.39 10.10 14.66
C THR B 19 -25.86 9.76 14.50
N ALA B 20 -26.35 8.84 15.31
CA ALA B 20 -27.76 8.50 15.30
C ALA B 20 -28.50 9.40 16.27
N THR B 21 -29.58 10.02 15.79
CA THR B 21 -30.34 10.95 16.60
C THR B 21 -31.59 10.31 17.17
N THR B 22 -31.70 10.25 18.49
CA THR B 22 -32.89 9.70 19.12
C THR B 22 -33.94 10.79 19.28
N ALA B 23 -35.18 10.44 18.96
CA ALA B 23 -36.28 11.40 18.95
C ALA B 23 -36.98 11.46 20.31
N THR B 24 -37.19 12.68 20.79
CA THR B 24 -37.97 12.91 22.01
C THR B 24 -39.02 14.00 21.78
N1 12V C . 9.12 5.59 -2.93
C2 12V C . 9.64 6.69 -3.69
O2 12V C . 9.26 6.89 -4.83
N3 12V C . 10.64 7.50 -3.13
C4 12V C . 11.02 7.21 -1.90
O4 12V C . 11.98 8.01 -1.36
C5 12V C . 10.53 6.16 -1.08
C6 12V C . 9.56 5.36 -1.65
PA 12V C . 4.09 1.68 0.02
PB 12V C . 5.09 -1.03 0.19
C1' 12V C . 2.69 -1.61 -0.81
O1' 12V C . 3.98 -1.86 -0.92
O1A 12V C . 2.65 1.45 -0.24
C1B 12V C . 8.03 4.75 -3.50
O1B 12V C . 4.39 -0.89 1.53
C2' 12V C . 1.83 -2.80 -0.30
N2' 12V C . 2.16 -3.12 1.06
O2' 12V C . 8.95 2.81 -4.63
O2A 12V C . 4.73 2.36 1.21
C2B 12V C . 8.27 3.23 -3.48
O2B 12V C . 6.36 -1.75 -0.06
C3' 12V C . 2.00 -4.02 -1.23
O3' 12V C . 1.25 -5.07 -0.69
O3A 12V C . 5.01 0.44 -0.35
C3B 12V C . 6.80 2.71 -3.47
O3B 12V C . 6.39 2.73 -4.81
C4' 12V C . 1.46 -3.82 -2.68
O4' 12V C . 1.66 -5.06 -3.32
C4B 12V C . 6.04 3.81 -2.72
O4B 12V C . 6.87 4.97 -2.78
C5' 12V C . 2.23 -2.75 -3.45
S5' 12V C . 2.07 -1.18 -2.55
C5B 12V C . 5.76 3.42 -1.23
O5B 12V C . 4.54 2.77 -1.25
C6' 12V C . 1.61 -2.28 -4.77
O6' 12V C . 0.25 -1.97 -4.63
C7' 12V C . 1.48 -2.54 2.11
O7' 12V C . 0.57 -1.72 1.93
C8' 12V C . 1.91 -2.93 3.50
#